data_1FSA
#
_entry.id   1FSA
#
_cell.length_a   61.050
_cell.length_b   166.720
_cell.length_c   79.980
_cell.angle_alpha   90.00
_cell.angle_beta   90.00
_cell.angle_gamma   90.00
#
_symmetry.space_group_name_H-M   'P 21 21 2'
#
loop_
_entity.id
_entity.type
_entity.pdbx_description
1 polymer 'FRUCTOSE 1,6-BISPHOSPHATASE'
2 non-polymer 6-O-phosphono-beta-D-fructofuranose
3 non-polymer 'MANGANESE (II) ION'
4 non-polymer 'ADENOSINE MONOPHOSPHATE'
5 water water
#
_entity_poly.entity_id   1
_entity_poly.type   'polypeptide(L)'
_entity_poly.pdbx_seq_one_letter_code
;TDQAAFDTNIVTLTRFVMEQGRKARGTGEMTQLLNSLCTAVAAISTAVRKAGIAHLYGIAGSTNVTGDQVKKLDVLSNDL
VINVLKSSFATCVLVTEEDKNAIIVEPEKRGKYVVCFDPLDGSSNIDCLVSIGTIFGIYRKNSTDEPSEKDALQPGRNLV
AAGYALYGSATMLVLAMVNGVNCFMLDPAIGEFILVDRNVKIKKKGSIYSINEGYAKEFDPAITEYIQRKKFPPDNSAPY
GARYVGSMVADVHRTLVYGGIFMYPANKKSPKGKLRLLYECNPMAYVMEKAGGLATTGKEAVLDIVPTDIHQRAPIILGS
PEDVTELLEIYQKHAAK
;
_entity_poly.pdbx_strand_id   A,B
#
loop_
_chem_comp.id
_chem_comp.type
_chem_comp.name
_chem_comp.formula
AMP non-polymer 'ADENOSINE MONOPHOSPHATE' 'C10 H14 N5 O7 P'
F6P D-saccharide, beta linking 6-O-phosphono-beta-D-fructofuranose 'C6 H13 O9 P'
MN non-polymer 'MANGANESE (II) ION' 'Mn 2'
#
# COMPACT_ATOMS: atom_id res chain seq x y z
N THR A 1 14.31 -32.23 -18.61
CA THR A 1 13.55 -33.09 -17.66
C THR A 1 14.05 -34.53 -17.76
N ASP A 2 14.28 -35.16 -16.61
CA ASP A 2 14.77 -36.53 -16.54
C ASP A 2 14.26 -37.21 -15.27
N GLN A 3 14.48 -36.52 -14.14
CA GLN A 3 14.10 -37.01 -12.82
C GLN A 3 14.28 -35.86 -11.83
N ALA A 4 13.14 -35.38 -11.31
CA ALA A 4 13.09 -34.29 -10.34
C ALA A 4 11.65 -34.14 -9.87
N ALA A 5 11.34 -34.70 -8.70
CA ALA A 5 10.00 -34.62 -8.15
C ALA A 5 9.70 -33.16 -7.80
N PHE A 6 8.76 -32.93 -6.89
CA PHE A 6 8.42 -31.57 -6.50
C PHE A 6 9.69 -30.96 -5.89
N ASP A 7 10.49 -30.27 -6.71
CA ASP A 7 11.73 -29.65 -6.24
C ASP A 7 11.71 -28.13 -6.45
N THR A 8 12.62 -27.43 -5.77
CA THR A 8 12.79 -25.96 -5.83
C THR A 8 13.97 -25.50 -4.91
N ASN A 9 14.90 -24.72 -5.47
CA ASN A 9 16.07 -24.22 -4.72
C ASN A 9 16.22 -22.69 -4.83
N ILE A 10 17.14 -22.13 -4.04
CA ILE A 10 17.36 -20.68 -4.06
C ILE A 10 17.88 -20.25 -5.42
N VAL A 11 17.34 -19.14 -5.92
CA VAL A 11 17.76 -18.58 -7.21
C VAL A 11 17.75 -17.10 -7.05
N THR A 12 18.92 -16.50 -7.04
CA THR A 12 18.98 -15.06 -6.87
C THR A 12 18.73 -14.38 -8.20
N LEU A 13 18.50 -13.06 -8.17
CA LEU A 13 18.30 -12.28 -9.39
C LEU A 13 19.58 -12.43 -10.18
N THR A 14 20.64 -11.87 -9.63
CA THR A 14 21.98 -11.90 -10.20
C THR A 14 22.30 -13.20 -10.95
N ARG A 15 22.12 -14.34 -10.31
CA ARG A 15 22.39 -15.63 -10.93
C ARG A 15 21.43 -15.72 -12.11
N PHE A 16 20.15 -15.49 -11.83
CA PHE A 16 19.12 -15.56 -12.87
C PHE A 16 19.45 -14.76 -14.12
N VAL A 17 19.63 -13.47 -13.94
CA VAL A 17 19.97 -12.60 -15.04
C VAL A 17 21.19 -13.16 -15.77
N MET A 18 22.23 -13.44 -14.99
CA MET A 18 23.50 -13.95 -15.47
C MET A 18 23.36 -15.10 -16.47
N GLU A 19 22.65 -16.16 -16.11
CA GLU A 19 22.51 -17.28 -17.02
C GLU A 19 21.69 -16.90 -18.21
N GLN A 20 20.75 -15.98 -18.04
CA GLN A 20 19.91 -15.56 -19.15
C GLN A 20 20.71 -14.95 -20.27
N GLY A 21 21.73 -14.18 -19.90
CA GLY A 21 22.58 -13.52 -20.88
C GLY A 21 23.56 -14.49 -21.50
N ARG A 22 23.89 -15.55 -20.77
CA ARG A 22 24.80 -16.58 -21.24
C ARG A 22 24.07 -17.34 -22.36
N LYS A 23 22.81 -17.68 -22.08
CA LYS A 23 21.92 -18.40 -22.98
C LYS A 23 21.86 -17.77 -24.35
N ALA A 24 21.86 -16.45 -24.40
CA ALA A 24 21.80 -15.78 -25.68
C ALA A 24 23.05 -14.97 -25.92
N ARG A 25 24.18 -15.62 -25.70
CA ARG A 25 25.50 -15.07 -25.89
C ARG A 25 25.55 -13.56 -26.06
N GLY A 26 25.16 -12.83 -25.01
CA GLY A 26 25.23 -11.38 -25.11
C GLY A 26 26.65 -11.03 -24.75
N THR A 27 27.14 -9.84 -25.12
CA THR A 27 28.50 -9.48 -24.75
C THR A 27 28.54 -9.38 -23.25
N GLY A 28 27.37 -9.18 -22.63
CA GLY A 28 27.31 -9.05 -21.18
C GLY A 28 27.20 -7.58 -20.79
N GLU A 29 26.88 -6.74 -21.76
CA GLU A 29 26.73 -5.32 -21.51
C GLU A 29 25.36 -5.07 -20.88
N MET A 30 24.37 -5.88 -21.24
CA MET A 30 23.04 -5.71 -20.68
C MET A 30 22.97 -6.30 -19.28
N THR A 31 23.63 -7.44 -19.05
CA THR A 31 23.67 -8.06 -17.71
C THR A 31 24.12 -6.94 -16.78
N GLN A 32 25.21 -6.28 -17.15
CA GLN A 32 25.72 -5.18 -16.36
C GLN A 32 24.66 -4.13 -16.14
N LEU A 33 23.70 -4.00 -17.06
CA LEU A 33 22.61 -3.01 -16.91
C LEU A 33 21.52 -3.50 -15.93
N LEU A 34 21.06 -4.72 -16.09
CA LEU A 34 20.07 -5.23 -15.17
C LEU A 34 20.70 -5.31 -13.78
N ASN A 35 22.01 -5.58 -13.75
CA ASN A 35 22.78 -5.69 -12.51
C ASN A 35 22.76 -4.37 -11.78
N SER A 36 23.11 -3.32 -12.52
CA SER A 36 23.18 -1.97 -12.00
C SER A 36 21.82 -1.45 -11.56
N LEU A 37 20.85 -1.54 -12.46
CA LEU A 37 19.52 -1.06 -12.18
C LEU A 37 19.02 -1.68 -10.89
N CYS A 38 19.20 -2.99 -10.78
CA CYS A 38 18.82 -3.68 -9.56
C CYS A 38 19.48 -3.08 -8.29
N THR A 39 20.80 -2.93 -8.27
CA THR A 39 21.46 -2.34 -7.12
C THR A 39 20.77 -1.04 -6.78
N ALA A 40 20.42 -0.27 -7.81
CA ALA A 40 19.69 1.00 -7.60
C ALA A 40 18.39 0.71 -6.79
N VAL A 41 17.54 -0.16 -7.32
CA VAL A 41 16.29 -0.53 -6.66
C VAL A 41 16.51 -0.86 -5.19
N ALA A 42 17.34 -1.87 -4.95
CA ALA A 42 17.66 -2.34 -3.59
C ALA A 42 17.96 -1.20 -2.64
N ALA A 43 18.72 -0.23 -3.12
CA ALA A 43 19.07 0.90 -2.31
C ALA A 43 17.87 1.81 -2.13
N ILE A 44 17.12 2.04 -3.21
CA ILE A 44 15.99 2.94 -3.10
C ILE A 44 14.99 2.36 -2.13
N SER A 45 14.77 1.06 -2.17
CA SER A 45 13.83 0.46 -1.24
C SER A 45 14.15 0.97 0.16
N THR A 46 15.42 0.86 0.49
CA THR A 46 15.93 1.26 1.78
C THR A 46 15.66 2.73 2.07
N ALA A 47 15.96 3.63 1.14
CA ALA A 47 15.64 5.05 1.38
C ALA A 47 14.12 5.21 1.60
N VAL A 48 13.35 4.41 0.87
CA VAL A 48 11.89 4.45 0.95
C VAL A 48 11.37 3.91 2.25
N ARG A 49 12.12 3.01 2.87
CA ARG A 49 11.70 2.49 4.16
C ARG A 49 12.06 3.46 5.28
N LYS A 50 12.42 4.69 4.91
CA LYS A 50 12.78 5.72 5.88
C LYS A 50 13.72 5.16 6.93
N ALA A 51 14.52 4.18 6.52
CA ALA A 51 15.50 3.56 7.40
C ALA A 51 16.62 4.57 7.56
N GLY A 52 16.94 4.91 8.80
CA GLY A 52 17.98 5.89 9.07
C GLY A 52 17.41 7.26 9.44
N ILE A 53 16.08 7.30 9.57
CA ILE A 53 15.37 8.53 9.92
C ILE A 53 15.83 9.04 11.28
N ALA A 54 16.17 8.13 12.19
CA ALA A 54 16.63 8.45 13.53
C ALA A 54 17.61 9.61 13.54
N HIS A 55 18.76 9.39 12.91
CA HIS A 55 19.81 10.42 12.84
C HIS A 55 19.23 11.74 12.36
N LEU A 56 18.38 11.66 11.35
CA LEU A 56 17.74 12.84 10.75
C LEU A 56 16.89 13.66 11.75
N TYR A 57 16.46 13.05 12.84
CA TYR A 57 15.64 13.71 13.86
C TYR A 57 16.40 14.02 15.16
N GLY A 58 17.69 14.32 15.02
CA GLY A 58 18.51 14.67 16.16
C GLY A 58 19.08 13.59 17.08
N ILE A 59 18.79 12.30 16.87
CA ILE A 59 19.34 11.25 17.74
C ILE A 59 20.88 11.34 17.72
N ALA A 60 21.41 11.65 16.54
CA ALA A 60 22.85 11.81 16.32
C ALA A 60 23.25 13.27 16.51
N GLY A 61 22.26 14.09 16.84
CA GLY A 61 22.49 15.50 17.04
C GLY A 61 22.89 16.09 15.71
N SER A 62 21.92 16.55 14.94
CA SER A 62 22.19 17.16 13.65
C SER A 62 23.05 18.38 13.97
N THR A 63 24.37 18.15 14.04
CA THR A 63 25.40 19.15 14.37
C THR A 63 25.09 20.55 13.82
N ASN A 64 25.03 20.62 12.50
CA ASN A 64 24.71 21.83 11.74
C ASN A 64 24.03 21.17 10.53
N VAL A 65 23.29 20.10 10.87
CA VAL A 65 22.59 19.21 9.94
C VAL A 65 23.67 18.26 9.39
N THR A 66 23.29 17.04 9.02
CA THR A 66 24.26 16.04 8.51
C THR A 66 23.75 15.22 7.31
N GLY A 67 24.31 14.02 7.16
CA GLY A 67 23.90 13.15 6.08
C GLY A 67 24.80 13.09 4.86
N ASP A 68 24.76 11.95 4.19
CA ASP A 68 25.55 11.69 2.98
C ASP A 68 24.62 12.02 1.80
N GLN A 69 23.79 13.05 2.00
CA GLN A 69 22.80 13.49 1.03
C GLN A 69 21.68 12.47 0.93
N VAL A 70 20.60 12.80 1.63
CA VAL A 70 19.38 11.99 1.70
C VAL A 70 18.24 13.01 1.87
N LYS A 71 17.81 13.63 0.77
CA LYS A 71 16.77 14.65 0.83
C LYS A 71 15.38 14.22 0.37
N LYS A 72 14.88 14.83 -0.71
CA LYS A 72 13.57 14.51 -1.27
C LYS A 72 13.76 13.12 -1.88
N LEU A 73 12.97 12.15 -1.45
CA LEU A 73 13.13 10.80 -1.96
C LEU A 73 13.18 10.67 -3.46
N ASP A 74 12.25 11.31 -4.17
CA ASP A 74 12.23 11.20 -5.64
C ASP A 74 13.41 11.86 -6.30
N VAL A 75 13.99 12.82 -5.59
CA VAL A 75 15.14 13.56 -6.08
C VAL A 75 16.40 12.73 -5.88
N LEU A 76 16.54 12.10 -4.72
CA LEU A 76 17.72 11.29 -4.47
C LEU A 76 17.59 10.05 -5.35
N SER A 77 16.39 9.47 -5.42
CA SER A 77 16.16 8.31 -6.27
C SER A 77 16.57 8.63 -7.68
N ASN A 78 16.03 9.72 -8.18
CA ASN A 78 16.34 10.14 -9.52
C ASN A 78 17.83 10.13 -9.67
N ASP A 79 18.53 10.66 -8.67
CA ASP A 79 19.98 10.69 -8.73
C ASP A 79 20.54 9.28 -8.78
N LEU A 80 20.30 8.51 -7.71
CA LEU A 80 20.77 7.14 -7.62
C LEU A 80 20.66 6.32 -8.90
N VAL A 81 19.50 6.41 -9.56
CA VAL A 81 19.28 5.64 -10.79
C VAL A 81 20.23 6.14 -11.87
N ILE A 82 20.14 7.42 -12.20
CA ILE A 82 21.02 8.02 -13.20
C ILE A 82 22.49 7.71 -12.87
N ASN A 83 22.81 7.56 -11.59
CA ASN A 83 24.18 7.28 -11.21
C ASN A 83 24.62 5.85 -11.44
N VAL A 84 23.97 4.88 -10.83
CA VAL A 84 24.42 3.52 -11.06
C VAL A 84 24.22 3.16 -12.53
N LEU A 85 23.49 4.01 -13.26
CA LEU A 85 23.27 3.78 -14.70
C LEU A 85 24.44 4.18 -15.56
N LYS A 86 24.86 5.44 -15.46
CA LYS A 86 26.00 5.92 -16.23
C LYS A 86 27.17 4.98 -16.00
N SER A 87 27.45 4.75 -14.71
CA SER A 87 28.53 3.85 -14.29
C SER A 87 28.33 2.38 -14.68
N SER A 88 27.31 2.07 -15.48
CA SER A 88 27.13 0.68 -15.86
C SER A 88 27.95 0.52 -17.11
N PHE A 89 28.17 1.65 -17.79
CA PHE A 89 28.90 1.64 -19.05
C PHE A 89 28.03 0.78 -19.96
N ALA A 90 26.76 1.14 -20.01
CA ALA A 90 25.78 0.43 -20.81
C ALA A 90 24.62 1.31 -21.25
N THR A 91 24.74 2.62 -21.02
CA THR A 91 23.66 3.55 -21.35
C THR A 91 24.12 4.74 -22.16
N CYS A 92 23.29 5.21 -23.10
CA CYS A 92 23.63 6.38 -23.92
C CYS A 92 22.61 7.50 -23.78
N VAL A 93 21.36 7.12 -23.60
CA VAL A 93 20.31 8.12 -23.42
C VAL A 93 19.37 7.69 -22.27
N LEU A 94 19.35 8.49 -21.21
CA LEU A 94 18.52 8.22 -20.03
C LEU A 94 17.40 9.24 -20.00
N VAL A 95 16.17 8.76 -19.88
CA VAL A 95 15.02 9.67 -19.85
C VAL A 95 14.29 9.59 -18.50
N THR A 96 14.30 10.66 -17.71
CA THR A 96 13.61 10.65 -16.41
C THR A 96 12.46 11.62 -16.32
N GLU A 97 11.38 11.17 -15.67
CA GLU A 97 10.20 12.00 -15.45
C GLU A 97 10.61 13.29 -14.76
N GLU A 98 11.46 13.13 -13.74
CA GLU A 98 11.94 14.23 -12.94
C GLU A 98 12.87 15.12 -13.73
N ASP A 99 13.11 14.75 -14.99
CA ASP A 99 13.99 15.52 -15.85
C ASP A 99 13.32 16.03 -17.11
N LYS A 100 13.35 17.35 -17.24
CA LYS A 100 12.76 18.05 -18.36
C LYS A 100 13.31 17.57 -19.70
N ASN A 101 14.60 17.23 -19.74
CA ASN A 101 15.20 16.77 -20.98
C ASN A 101 15.68 15.34 -20.85
N ALA A 102 16.21 14.82 -21.96
CA ALA A 102 16.76 13.49 -21.96
C ALA A 102 18.20 13.69 -21.55
N ILE A 103 18.73 12.69 -20.87
CA ILE A 103 20.11 12.68 -20.41
C ILE A 103 20.90 11.90 -21.49
N ILE A 104 22.03 12.44 -21.93
CA ILE A 104 22.86 11.78 -22.93
C ILE A 104 24.25 11.45 -22.34
N VAL A 105 24.38 10.23 -21.87
CA VAL A 105 25.60 9.75 -21.23
C VAL A 105 26.90 10.04 -21.99
N GLU A 106 27.80 10.74 -21.32
CA GLU A 106 29.12 11.11 -21.85
C GLU A 106 29.77 9.91 -22.46
N PRO A 107 30.62 10.12 -23.49
CA PRO A 107 31.34 9.07 -24.21
C PRO A 107 32.12 8.07 -23.39
N GLU A 108 32.61 8.48 -22.23
CA GLU A 108 33.38 7.58 -21.35
C GLU A 108 32.48 6.47 -20.84
N LYS A 109 31.35 6.86 -20.23
CA LYS A 109 30.42 5.89 -19.69
C LYS A 109 29.38 5.45 -20.72
N ARG A 110 29.42 6.09 -21.89
CA ARG A 110 28.48 5.82 -22.96
C ARG A 110 28.37 4.36 -23.43
N GLY A 111 27.24 3.74 -23.09
CA GLY A 111 26.96 2.38 -23.50
C GLY A 111 26.19 2.36 -24.82
N LYS A 112 25.09 1.60 -24.87
CA LYS A 112 24.32 1.51 -26.10
C LYS A 112 22.83 1.47 -25.91
N TYR A 113 22.38 1.15 -24.70
CA TYR A 113 20.97 1.06 -24.39
C TYR A 113 20.39 2.38 -23.95
N VAL A 114 19.16 2.63 -24.39
CA VAL A 114 18.40 3.83 -24.05
C VAL A 114 17.54 3.32 -22.91
N VAL A 115 17.46 4.06 -21.80
CA VAL A 115 16.70 3.61 -20.60
C VAL A 115 15.73 4.67 -20.12
N CYS A 116 14.47 4.28 -19.96
CA CYS A 116 13.46 5.22 -19.52
C CYS A 116 12.99 4.82 -18.15
N PHE A 117 12.98 5.74 -17.18
CA PHE A 117 12.49 5.37 -15.86
C PHE A 117 11.71 6.46 -15.16
N ASP A 118 10.88 6.04 -14.20
CA ASP A 118 10.10 6.92 -13.33
C ASP A 118 10.65 6.45 -11.99
N PRO A 119 11.72 7.09 -11.50
CA PRO A 119 12.43 6.80 -10.26
C PRO A 119 11.60 6.55 -9.00
N LEU A 120 10.41 7.14 -8.92
CA LEU A 120 9.58 6.91 -7.75
C LEU A 120 8.14 7.27 -8.06
N ASP A 121 7.37 6.30 -8.53
CA ASP A 121 5.96 6.53 -8.82
C ASP A 121 5.23 6.53 -7.48
N GLY A 122 4.26 7.43 -7.35
CA GLY A 122 3.50 7.57 -6.12
C GLY A 122 4.22 8.53 -5.18
N SER A 123 5.30 9.12 -5.67
CA SER A 123 6.14 10.05 -4.91
C SER A 123 5.43 11.01 -3.96
N SER A 124 4.21 11.40 -4.33
CA SER A 124 3.40 12.32 -3.53
C SER A 124 2.47 11.60 -2.58
N ASN A 125 2.06 10.40 -3.00
CA ASN A 125 1.18 9.54 -2.21
C ASN A 125 1.99 8.84 -1.12
N ILE A 126 3.26 9.24 -1.02
CA ILE A 126 4.21 8.71 -0.05
C ILE A 126 3.87 8.99 1.44
N ASP A 127 3.54 10.25 1.79
CA ASP A 127 3.22 10.62 3.19
C ASP A 127 2.29 9.62 3.88
N CYS A 128 1.48 8.93 3.09
CA CYS A 128 0.54 7.96 3.63
C CYS A 128 1.06 6.56 3.75
N LEU A 129 2.37 6.41 3.59
CA LEU A 129 3.01 5.11 3.69
C LEU A 129 2.36 4.18 2.70
N VAL A 130 1.71 4.79 1.71
CA VAL A 130 1.03 4.06 0.66
C VAL A 130 2.08 3.75 -0.40
N SER A 131 2.15 2.46 -0.73
CA SER A 131 3.08 1.89 -1.68
C SER A 131 3.51 2.81 -2.81
N ILE A 132 4.80 2.79 -3.07
CA ILE A 132 5.36 3.56 -4.15
C ILE A 132 6.22 2.58 -4.95
N GLY A 133 6.73 3.03 -6.08
CA GLY A 133 7.52 2.14 -6.89
C GLY A 133 8.47 2.80 -7.88
N THR A 134 9.11 1.97 -8.66
CA THR A 134 10.06 2.46 -9.62
C THR A 134 9.78 1.71 -10.89
N ILE A 135 9.74 2.41 -12.00
CA ILE A 135 9.46 1.79 -13.29
C ILE A 135 10.56 2.13 -14.25
N PHE A 136 10.91 1.15 -15.07
CA PHE A 136 11.99 1.28 -16.04
C PHE A 136 11.71 0.46 -17.30
N GLY A 137 12.02 1.04 -18.45
CA GLY A 137 11.81 0.36 -19.70
C GLY A 137 13.12 0.48 -20.44
N ILE A 138 13.59 -0.61 -21.04
CA ILE A 138 14.88 -0.59 -21.75
C ILE A 138 14.77 -0.69 -23.27
N TYR A 139 15.48 0.18 -23.96
CA TYR A 139 15.50 0.20 -25.42
C TYR A 139 16.94 0.00 -25.92
N ARG A 140 17.07 -0.70 -27.05
CA ARG A 140 18.38 -0.90 -27.62
C ARG A 140 18.53 0.26 -28.60
N LYS A 141 19.65 0.97 -28.55
CA LYS A 141 19.84 2.08 -29.46
C LYS A 141 19.78 1.55 -30.89
N ASN A 142 19.03 2.25 -31.73
CA ASN A 142 18.87 1.92 -33.14
C ASN A 142 19.06 3.19 -33.99
N SER A 143 20.28 3.38 -34.46
CA SER A 143 20.67 4.54 -35.26
C SER A 143 22.15 4.38 -35.54
N THR A 144 22.75 5.46 -36.05
CA THR A 144 24.17 5.53 -36.37
C THR A 144 24.69 6.88 -35.86
N ASP A 145 23.78 7.86 -35.84
CA ASP A 145 24.06 9.22 -35.39
C ASP A 145 24.40 9.31 -33.90
N GLU A 146 24.56 10.54 -33.42
CA GLU A 146 24.85 10.77 -32.02
C GLU A 146 23.62 10.47 -31.19
N PRO A 147 23.78 9.74 -30.07
CA PRO A 147 22.59 9.46 -29.27
C PRO A 147 22.00 10.78 -28.82
N SER A 148 20.67 10.80 -28.71
CA SER A 148 19.93 11.98 -28.31
C SER A 148 18.49 11.57 -28.06
N GLU A 149 17.68 12.55 -27.67
CA GLU A 149 16.28 12.34 -27.38
C GLU A 149 15.52 11.44 -28.35
N LYS A 150 15.79 11.57 -29.65
CA LYS A 150 15.09 10.77 -30.63
C LYS A 150 15.32 9.29 -30.45
N ASP A 151 16.46 8.93 -29.89
CA ASP A 151 16.77 7.53 -29.67
C ASP A 151 15.88 6.94 -28.54
N ALA A 152 15.17 7.82 -27.84
CA ALA A 152 14.27 7.40 -26.79
C ALA A 152 12.85 7.26 -27.32
N LEU A 153 12.57 7.96 -28.41
CA LEU A 153 11.26 7.96 -29.02
C LEU A 153 10.93 6.75 -29.89
N GLN A 154 10.92 5.57 -29.31
CA GLN A 154 10.57 4.41 -30.11
C GLN A 154 9.32 3.74 -29.50
N PRO A 155 8.37 3.27 -30.33
CA PRO A 155 7.18 2.64 -29.73
C PRO A 155 7.52 1.49 -28.76
N GLY A 156 6.60 1.27 -27.84
CA GLY A 156 6.79 0.23 -26.85
C GLY A 156 7.10 -1.12 -27.45
N ARG A 157 6.65 -1.37 -28.67
CA ARG A 157 6.89 -2.67 -29.28
C ARG A 157 8.37 -2.99 -29.42
N ASN A 158 9.21 -1.96 -29.43
CA ASN A 158 10.65 -2.14 -29.57
C ASN A 158 11.47 -2.28 -28.27
N LEU A 159 10.76 -2.39 -27.13
CA LEU A 159 11.37 -2.58 -25.80
C LEU A 159 12.11 -3.92 -25.80
N VAL A 160 13.13 -4.02 -24.96
CA VAL A 160 13.92 -5.23 -24.82
C VAL A 160 13.74 -5.88 -23.45
N ALA A 161 13.56 -5.06 -22.42
CA ALA A 161 13.34 -5.55 -21.05
C ALA A 161 12.52 -4.45 -20.41
N ALA A 162 11.69 -4.83 -19.45
CA ALA A 162 10.88 -3.83 -18.79
C ALA A 162 10.35 -4.39 -17.48
N GLY A 163 10.24 -3.52 -16.47
CA GLY A 163 9.73 -3.97 -15.19
C GLY A 163 9.48 -2.81 -14.25
N TYR A 164 9.21 -3.14 -13.00
CA TYR A 164 8.97 -2.13 -12.01
C TYR A 164 9.21 -2.77 -10.67
N ALA A 165 9.62 -1.97 -9.69
CA ALA A 165 9.86 -2.48 -8.35
C ALA A 165 8.79 -1.83 -7.54
N LEU A 166 8.16 -2.59 -6.66
CA LEU A 166 7.10 -2.04 -5.85
C LEU A 166 7.55 -2.10 -4.41
N TYR A 167 7.49 -0.95 -3.72
CA TYR A 167 7.87 -0.84 -2.31
C TYR A 167 6.57 -0.82 -1.51
N GLY A 168 6.20 -1.97 -0.97
CA GLY A 168 5.00 -2.05 -0.20
C GLY A 168 5.30 -2.78 1.08
N SER A 169 4.43 -3.68 1.48
CA SER A 169 4.66 -4.45 2.69
C SER A 169 5.83 -5.40 2.44
N ALA A 170 6.32 -5.39 1.21
CA ALA A 170 7.46 -6.20 0.77
C ALA A 170 8.01 -5.41 -0.42
N THR A 171 9.24 -5.71 -0.83
CA THR A 171 9.85 -5.03 -1.98
C THR A 171 9.87 -6.10 -3.07
N MET A 172 9.15 -5.87 -4.16
CA MET A 172 9.11 -6.87 -5.19
C MET A 172 9.59 -6.28 -6.47
N LEU A 173 10.26 -7.10 -7.26
CA LEU A 173 10.77 -6.69 -8.55
C LEU A 173 10.16 -7.59 -9.59
N VAL A 174 9.59 -6.98 -10.63
CA VAL A 174 9.00 -7.76 -11.69
C VAL A 174 9.79 -7.47 -12.95
N LEU A 175 10.32 -8.53 -13.56
CA LEU A 175 11.12 -8.39 -14.78
C LEU A 175 10.59 -9.21 -15.94
N ALA A 176 10.20 -8.50 -16.99
CA ALA A 176 9.67 -9.10 -18.20
C ALA A 176 10.66 -8.83 -19.32
N MET A 177 10.88 -9.85 -20.14
CA MET A 177 11.78 -9.77 -21.31
C MET A 177 11.24 -10.89 -22.20
N VAL A 178 11.45 -10.78 -23.51
CA VAL A 178 10.97 -11.79 -24.48
C VAL A 178 10.31 -13.11 -23.96
N ASN A 179 10.99 -13.87 -23.10
CA ASN A 179 10.44 -15.13 -22.59
C ASN A 179 9.24 -14.99 -21.67
N GLY A 180 9.25 -14.01 -20.77
CA GLY A 180 8.13 -13.84 -19.86
C GLY A 180 8.33 -12.88 -18.70
N VAL A 181 7.44 -12.98 -17.73
CA VAL A 181 7.50 -12.11 -16.59
C VAL A 181 7.92 -12.92 -15.40
N ASN A 182 8.92 -12.44 -14.67
CA ASN A 182 9.42 -13.18 -13.50
C ASN A 182 9.54 -12.24 -12.30
N CYS A 183 8.87 -12.61 -11.21
CA CYS A 183 8.87 -11.83 -9.96
C CYS A 183 9.93 -12.28 -8.95
N PHE A 184 10.76 -11.33 -8.52
CA PHE A 184 11.82 -11.55 -7.52
C PHE A 184 11.52 -10.78 -6.20
N MET A 185 11.54 -11.48 -5.08
CA MET A 185 11.25 -10.87 -3.79
C MET A 185 12.52 -10.45 -3.11
N LEU A 186 12.57 -9.25 -2.59
CA LEU A 186 13.78 -8.83 -1.89
C LEU A 186 13.81 -9.38 -0.48
N ASP A 187 14.79 -10.24 -0.18
CA ASP A 187 14.97 -10.72 1.19
C ASP A 187 15.97 -9.76 1.75
N PRO A 188 15.49 -8.74 2.46
CA PRO A 188 16.30 -7.68 3.08
C PRO A 188 17.40 -8.17 4.01
N ALA A 189 17.12 -9.25 4.73
CA ALA A 189 18.07 -9.82 5.68
C ALA A 189 19.42 -10.09 5.04
N ILE A 190 19.39 -10.53 3.79
CA ILE A 190 20.62 -10.84 3.12
C ILE A 190 20.82 -9.98 1.89
N GLY A 191 19.90 -9.05 1.65
CA GLY A 191 20.00 -8.14 0.51
C GLY A 191 20.18 -8.80 -0.85
N GLU A 192 19.18 -9.57 -1.27
CA GLU A 192 19.23 -10.27 -2.55
C GLU A 192 17.79 -10.48 -2.99
N PHE A 193 17.53 -10.39 -4.29
CA PHE A 193 16.20 -10.62 -4.79
C PHE A 193 16.14 -12.12 -5.06
N ILE A 194 15.07 -12.76 -4.62
CA ILE A 194 14.91 -14.20 -4.76
C ILE A 194 13.79 -14.44 -5.75
N LEU A 195 13.93 -15.46 -6.60
CA LEU A 195 12.91 -15.74 -7.59
C LEU A 195 11.76 -16.44 -6.90
N VAL A 196 10.61 -15.78 -6.79
CA VAL A 196 9.48 -16.42 -6.13
C VAL A 196 8.39 -16.87 -7.13
N ASP A 197 8.22 -16.11 -8.20
CA ASP A 197 7.23 -16.41 -9.22
C ASP A 197 7.83 -16.35 -10.59
N ARG A 198 7.96 -17.51 -11.22
CA ARG A 198 8.55 -17.54 -12.53
C ARG A 198 7.51 -17.75 -13.62
N ASN A 199 7.69 -17.00 -14.69
CA ASN A 199 6.83 -17.01 -15.87
C ASN A 199 5.37 -16.64 -15.68
N VAL A 200 5.13 -15.65 -14.83
CA VAL A 200 3.78 -15.20 -14.51
C VAL A 200 2.88 -14.97 -15.72
N LYS A 201 1.68 -15.55 -15.63
CA LYS A 201 0.66 -15.42 -16.65
C LYS A 201 -0.56 -14.90 -15.87
N ILE A 202 -1.25 -13.91 -16.42
CA ILE A 202 -2.41 -13.29 -15.77
C ILE A 202 -3.75 -14.01 -15.96
N LYS A 203 -4.67 -13.77 -15.01
CA LYS A 203 -6.01 -14.34 -15.07
C LYS A 203 -6.75 -13.87 -16.33
N LYS A 204 -7.36 -14.82 -17.04
CA LYS A 204 -8.10 -14.45 -18.23
C LYS A 204 -9.26 -13.54 -17.84
N LYS A 205 -9.81 -13.76 -16.64
CA LYS A 205 -10.93 -12.95 -16.16
C LYS A 205 -10.98 -12.79 -14.62
N GLY A 206 -10.74 -11.56 -14.19
CA GLY A 206 -10.76 -11.24 -12.77
C GLY A 206 -12.09 -10.73 -12.26
N SER A 207 -12.16 -10.37 -10.98
CA SER A 207 -13.38 -9.86 -10.38
C SER A 207 -13.12 -8.49 -9.75
N ILE A 208 -12.36 -7.63 -10.44
CA ILE A 208 -12.05 -6.31 -9.91
C ILE A 208 -11.71 -5.29 -10.98
N TYR A 209 -12.44 -4.18 -10.95
CA TYR A 209 -12.17 -3.08 -11.86
C TYR A 209 -11.44 -2.04 -10.98
N SER A 210 -10.67 -1.16 -11.60
CA SER A 210 -9.89 -0.20 -10.85
C SER A 210 -9.88 1.10 -11.62
N ILE A 211 -10.29 2.18 -10.97
CA ILE A 211 -10.37 3.49 -11.58
C ILE A 211 -10.74 4.62 -10.58
N ASN A 212 -10.32 5.86 -10.87
CA ASN A 212 -10.67 6.97 -9.96
C ASN A 212 -12.06 7.47 -10.26
N GLU A 213 -13.06 6.81 -9.70
CA GLU A 213 -14.44 7.22 -9.94
C GLU A 213 -14.72 8.66 -9.55
N GLY A 214 -13.72 9.33 -8.97
CA GLY A 214 -13.85 10.72 -8.60
C GLY A 214 -14.05 11.53 -9.86
N TYR A 215 -13.66 10.95 -10.98
CA TYR A 215 -13.79 11.59 -12.26
C TYR A 215 -15.01 11.15 -13.05
N ALA A 216 -15.95 10.44 -12.42
CA ALA A 216 -17.14 9.98 -13.15
C ALA A 216 -17.76 11.08 -14.00
N LYS A 217 -17.71 12.30 -13.50
CA LYS A 217 -18.28 13.42 -14.22
C LYS A 217 -17.71 13.58 -15.62
N GLU A 218 -16.40 13.52 -15.75
CA GLU A 218 -15.71 13.69 -17.03
C GLU A 218 -15.48 12.42 -17.87
N PHE A 219 -16.20 11.34 -17.55
CA PHE A 219 -16.04 10.07 -18.25
C PHE A 219 -16.75 9.90 -19.60
N ASP A 220 -15.98 9.46 -20.60
CA ASP A 220 -16.56 9.18 -21.91
C ASP A 220 -17.54 8.00 -21.78
N PRO A 221 -18.69 8.05 -22.45
CA PRO A 221 -19.70 6.99 -22.39
C PRO A 221 -19.29 5.53 -22.27
N ALA A 222 -18.42 5.03 -23.15
CA ALA A 222 -18.00 3.63 -23.12
C ALA A 222 -17.52 3.22 -21.75
N ILE A 223 -16.68 4.08 -21.17
CA ILE A 223 -16.14 3.87 -19.84
C ILE A 223 -17.32 3.87 -18.90
N THR A 224 -18.05 4.99 -18.91
CA THR A 224 -19.19 5.15 -18.03
C THR A 224 -20.16 4.01 -18.12
N GLU A 225 -20.33 3.45 -19.32
CA GLU A 225 -21.27 2.34 -19.53
C GLU A 225 -20.70 1.01 -19.02
N TYR A 226 -19.37 0.90 -19.07
CA TYR A 226 -18.68 -0.30 -18.63
C TYR A 226 -18.77 -0.43 -17.12
N ILE A 227 -18.38 0.63 -16.42
CA ILE A 227 -18.41 0.69 -14.95
C ILE A 227 -19.77 0.24 -14.42
N GLN A 228 -20.81 0.63 -15.15
CA GLN A 228 -22.16 0.26 -14.80
C GLN A 228 -22.38 -1.22 -14.89
N ARG A 229 -21.91 -1.84 -15.96
CA ARG A 229 -22.12 -3.26 -16.12
C ARG A 229 -21.39 -4.08 -15.04
N LYS A 230 -20.48 -3.44 -14.34
CA LYS A 230 -19.75 -4.16 -13.30
C LYS A 230 -20.51 -4.02 -11.98
N LYS A 231 -20.99 -2.81 -11.70
CA LYS A 231 -21.73 -2.50 -10.47
C LYS A 231 -23.07 -3.21 -10.45
N PHE A 232 -23.73 -3.23 -11.59
CA PHE A 232 -25.05 -3.85 -11.71
C PHE A 232 -25.06 -4.74 -12.96
N PRO A 233 -24.48 -5.94 -12.87
CA PRO A 233 -24.43 -6.86 -14.02
C PRO A 233 -25.76 -7.21 -14.67
N PRO A 234 -25.86 -6.98 -16.00
CA PRO A 234 -27.02 -7.23 -16.89
C PRO A 234 -27.59 -8.64 -16.69
N ASP A 235 -26.68 -9.60 -16.58
CA ASP A 235 -27.06 -10.98 -16.38
C ASP A 235 -27.19 -11.32 -14.90
N ASN A 236 -27.54 -10.32 -14.09
CA ASN A 236 -27.73 -10.51 -12.64
C ASN A 236 -26.74 -11.45 -11.91
N SER A 237 -25.49 -11.38 -12.33
CA SER A 237 -24.41 -12.16 -11.74
C SER A 237 -23.74 -11.29 -10.68
N ALA A 238 -22.90 -11.90 -9.83
CA ALA A 238 -22.18 -11.16 -8.78
C ALA A 238 -21.41 -9.97 -9.35
N PRO A 239 -21.53 -8.81 -8.72
CA PRO A 239 -20.89 -7.55 -9.12
C PRO A 239 -19.36 -7.55 -8.88
N TYR A 240 -18.62 -6.69 -9.57
CA TYR A 240 -17.15 -6.63 -9.41
C TYR A 240 -16.76 -5.86 -8.17
N GLY A 241 -15.68 -6.31 -7.53
CA GLY A 241 -15.20 -5.58 -6.37
C GLY A 241 -14.44 -4.42 -6.94
N ALA A 242 -14.23 -3.39 -6.15
CA ALA A 242 -13.48 -2.26 -6.66
C ALA A 242 -12.29 -2.04 -5.73
N ARG A 243 -11.19 -1.53 -6.27
CA ARG A 243 -10.00 -1.27 -5.47
C ARG A 243 -9.18 -0.22 -6.22
N TYR A 244 -8.88 0.90 -5.59
CA TYR A 244 -8.07 1.91 -6.25
C TYR A 244 -7.06 2.45 -5.27
N VAL A 245 -5.87 1.91 -5.27
CA VAL A 245 -4.85 2.39 -4.33
C VAL A 245 -4.38 3.79 -4.68
N GLY A 246 -4.59 4.22 -5.92
CA GLY A 246 -4.15 5.55 -6.33
C GLY A 246 -2.66 5.62 -6.56
N SER A 247 -2.08 4.50 -7.00
CA SER A 247 -0.66 4.32 -7.29
C SER A 247 -0.53 3.22 -8.36
N MET A 248 -0.12 3.59 -9.57
CA MET A 248 0.01 2.65 -10.68
C MET A 248 0.74 1.36 -10.45
N VAL A 249 1.89 1.41 -9.78
CA VAL A 249 2.65 0.19 -9.53
C VAL A 249 1.86 -0.78 -8.67
N ALA A 250 1.20 -0.27 -7.66
CA ALA A 250 0.39 -1.08 -6.74
C ALA A 250 -0.84 -1.65 -7.43
N ASP A 251 -1.45 -0.85 -8.30
CA ASP A 251 -2.65 -1.30 -8.98
C ASP A 251 -2.29 -2.15 -10.17
N VAL A 252 -1.25 -1.77 -10.90
CA VAL A 252 -0.85 -2.62 -12.01
C VAL A 252 -0.41 -3.91 -11.36
N HIS A 253 0.27 -3.84 -10.22
CA HIS A 253 0.72 -5.07 -9.61
C HIS A 253 -0.41 -5.91 -9.11
N ARG A 254 -1.40 -5.32 -8.48
CA ARG A 254 -2.52 -6.12 -7.99
C ARG A 254 -3.22 -6.79 -9.16
N THR A 255 -3.42 -6.03 -10.25
CA THR A 255 -4.09 -6.53 -11.46
C THR A 255 -3.32 -7.67 -12.11
N LEU A 256 -1.98 -7.59 -12.07
CA LEU A 256 -1.19 -8.67 -12.65
C LEU A 256 -1.44 -9.95 -11.85
N VAL A 257 -1.23 -9.86 -10.55
CA VAL A 257 -1.40 -11.00 -9.67
C VAL A 257 -2.84 -11.53 -9.55
N TYR A 258 -3.73 -10.75 -8.92
CA TYR A 258 -5.13 -11.15 -8.70
C TYR A 258 -6.11 -11.09 -9.86
N GLY A 259 -5.70 -10.57 -11.01
CA GLY A 259 -6.64 -10.48 -12.13
C GLY A 259 -7.38 -9.16 -12.08
N GLY A 260 -8.33 -8.95 -12.98
CA GLY A 260 -9.06 -7.70 -12.99
C GLY A 260 -8.58 -6.75 -14.07
N ILE A 261 -8.97 -5.48 -14.01
CA ILE A 261 -8.58 -4.46 -15.00
C ILE A 261 -8.20 -3.10 -14.35
N PHE A 262 -7.46 -2.25 -15.09
CA PHE A 262 -7.01 -0.95 -14.60
C PHE A 262 -7.18 0.16 -15.62
N MET A 263 -7.91 1.19 -15.22
CA MET A 263 -8.21 2.27 -16.13
C MET A 263 -7.81 3.68 -15.75
N TYR A 264 -7.11 4.33 -16.67
CA TYR A 264 -6.78 5.74 -16.49
C TYR A 264 -6.91 6.44 -17.85
N PRO A 265 -8.18 6.50 -18.36
CA PRO A 265 -8.59 7.11 -19.63
C PRO A 265 -8.65 8.61 -19.58
N ALA A 266 -8.84 9.20 -20.75
CA ALA A 266 -8.91 10.65 -20.86
C ALA A 266 -10.12 11.27 -20.15
N ASN A 267 -10.07 12.59 -19.99
CA ASN A 267 -11.16 13.35 -19.36
C ASN A 267 -11.03 14.86 -19.60
N LYS A 268 -12.05 15.60 -19.17
CA LYS A 268 -12.12 17.06 -19.27
C LYS A 268 -10.85 17.79 -18.87
N LYS A 269 -10.15 17.30 -17.85
CA LYS A 269 -8.92 17.94 -17.38
C LYS A 269 -7.63 17.34 -17.99
N SER A 270 -7.76 16.16 -18.58
CA SER A 270 -6.63 15.46 -19.21
C SER A 270 -7.13 14.72 -20.46
N PRO A 271 -7.19 15.42 -21.61
CA PRO A 271 -7.64 14.83 -22.87
C PRO A 271 -6.79 13.65 -23.32
N LYS A 272 -5.54 13.58 -22.89
CA LYS A 272 -4.68 12.47 -23.30
C LYS A 272 -4.26 11.57 -22.13
N GLY A 273 -5.09 11.51 -21.10
CA GLY A 273 -4.75 10.69 -19.95
C GLY A 273 -3.70 11.39 -19.13
N LYS A 274 -3.48 10.94 -17.91
CA LYS A 274 -2.49 11.56 -17.05
C LYS A 274 -1.18 10.81 -17.08
N LEU A 275 -1.24 9.52 -17.33
CA LEU A 275 -0.02 8.73 -17.34
C LEU A 275 0.93 8.96 -18.55
N ARG A 276 2.23 9.14 -18.23
CA ARG A 276 3.29 9.35 -19.22
C ARG A 276 3.62 8.03 -19.90
N LEU A 277 3.77 8.10 -21.22
CA LEU A 277 3.98 6.92 -22.03
C LEU A 277 5.26 6.15 -21.85
N LEU A 278 6.37 6.82 -22.15
CA LEU A 278 7.70 6.23 -22.09
C LEU A 278 8.08 5.55 -20.76
N TYR A 279 7.73 6.15 -19.62
CA TYR A 279 8.11 5.53 -18.36
C TYR A 279 7.07 4.95 -17.43
N GLU A 280 5.81 4.95 -17.83
CA GLU A 280 4.78 4.40 -16.98
C GLU A 280 3.94 3.52 -17.85
N CYS A 281 3.50 4.08 -18.96
CA CYS A 281 2.66 3.32 -19.82
C CYS A 281 3.28 2.12 -20.53
N ASN A 282 4.32 2.33 -21.31
CA ASN A 282 4.87 1.18 -22.01
C ASN A 282 5.34 0.02 -21.13
N PRO A 283 6.07 0.32 -20.04
CA PRO A 283 6.52 -0.75 -19.16
C PRO A 283 5.40 -1.61 -18.66
N MET A 284 4.38 -0.99 -18.08
CA MET A 284 3.26 -1.76 -17.55
C MET A 284 2.59 -2.57 -18.65
N ALA A 285 2.51 -1.93 -19.81
CA ALA A 285 1.91 -2.53 -20.99
C ALA A 285 2.70 -3.77 -21.40
N TYR A 286 4.01 -3.64 -21.50
CA TYR A 286 4.91 -4.70 -21.91
C TYR A 286 4.79 -5.88 -20.97
N VAL A 287 4.83 -5.57 -19.68
CA VAL A 287 4.69 -6.58 -18.63
C VAL A 287 3.35 -7.26 -18.82
N MET A 288 2.31 -6.45 -18.95
CA MET A 288 0.95 -6.93 -19.13
C MET A 288 0.81 -7.86 -20.31
N GLU A 289 1.25 -7.40 -21.48
CA GLU A 289 1.17 -8.22 -22.69
C GLU A 289 1.98 -9.49 -22.52
N LYS A 290 3.15 -9.39 -21.88
CA LYS A 290 4.02 -10.54 -21.63
C LYS A 290 3.45 -11.44 -20.53
N ALA A 291 2.53 -10.92 -19.74
CA ALA A 291 1.90 -11.68 -18.67
C ALA A 291 0.68 -12.41 -19.21
N GLY A 292 0.11 -11.90 -20.30
CA GLY A 292 -1.03 -12.56 -20.91
C GLY A 292 -2.29 -11.73 -21.04
N GLY A 293 -2.16 -10.43 -20.78
CA GLY A 293 -3.31 -9.56 -20.84
C GLY A 293 -3.06 -8.59 -21.96
N LEU A 294 -3.85 -7.51 -21.98
CA LEU A 294 -3.78 -6.49 -23.00
C LEU A 294 -3.58 -5.13 -22.38
N ALA A 295 -3.19 -4.18 -23.20
CA ALA A 295 -2.96 -2.85 -22.74
C ALA A 295 -3.38 -1.97 -23.88
N THR A 296 -4.66 -1.62 -23.90
CA THR A 296 -5.23 -0.79 -24.94
C THR A 296 -5.30 0.63 -24.38
N THR A 297 -5.68 1.59 -25.23
CA THR A 297 -5.84 3.00 -24.83
C THR A 297 -7.31 3.38 -24.96
N GLY A 298 -8.05 2.52 -25.66
CA GLY A 298 -9.46 2.74 -25.90
C GLY A 298 -9.71 2.25 -27.30
N LYS A 299 -8.86 2.70 -28.23
CA LYS A 299 -8.96 2.33 -29.65
C LYS A 299 -7.71 1.71 -30.28
N GLU A 300 -6.55 2.09 -29.76
CA GLU A 300 -5.28 1.55 -30.25
C GLU A 300 -4.47 0.95 -29.08
N ALA A 301 -3.51 0.08 -29.37
CA ALA A 301 -2.71 -0.54 -28.29
C ALA A 301 -1.49 0.28 -27.89
N VAL A 302 -1.29 0.39 -26.57
CA VAL A 302 -0.20 1.17 -25.99
C VAL A 302 1.16 0.98 -26.66
N LEU A 303 1.58 -0.27 -26.81
CA LEU A 303 2.88 -0.55 -27.39
C LEU A 303 3.15 -0.07 -28.82
N ASP A 304 2.11 0.15 -29.61
CA ASP A 304 2.30 0.59 -31.00
C ASP A 304 2.41 2.08 -31.17
N ILE A 305 1.84 2.83 -30.23
CA ILE A 305 1.88 4.28 -30.32
C ILE A 305 3.29 4.70 -30.64
N VAL A 306 3.40 5.66 -31.54
CA VAL A 306 4.69 6.18 -31.92
C VAL A 306 4.73 7.53 -31.17
N PRO A 307 5.76 7.73 -30.31
CA PRO A 307 5.96 8.95 -29.50
C PRO A 307 6.48 10.15 -30.22
N THR A 308 5.75 11.25 -30.09
CA THR A 308 6.20 12.47 -30.72
C THR A 308 7.09 13.22 -29.75
N ASP A 309 6.88 13.00 -28.44
CA ASP A 309 7.63 13.69 -27.39
C ASP A 309 7.87 12.75 -26.20
N ILE A 310 9.07 12.84 -25.61
CA ILE A 310 9.44 11.96 -24.49
C ILE A 310 8.53 12.01 -23.29
N HIS A 311 7.93 13.16 -23.02
CA HIS A 311 7.06 13.30 -21.86
C HIS A 311 5.62 13.27 -22.27
N GLN A 312 5.38 12.49 -23.31
CA GLN A 312 4.05 12.36 -23.84
C GLN A 312 3.21 11.60 -22.83
N ARG A 313 1.89 11.83 -22.87
CA ARG A 313 0.93 11.18 -21.98
C ARG A 313 0.03 10.28 -22.80
N ALA A 314 -0.73 9.43 -22.14
CA ALA A 314 -1.63 8.54 -22.84
C ALA A 314 -2.64 7.90 -21.92
N PRO A 315 -3.85 7.65 -22.42
CA PRO A 315 -4.84 7.01 -21.54
C PRO A 315 -4.52 5.53 -21.59
N ILE A 316 -4.86 4.78 -20.56
CA ILE A 316 -4.53 3.39 -20.64
C ILE A 316 -5.56 2.51 -19.96
N ILE A 317 -5.69 1.32 -20.52
CA ILE A 317 -6.63 0.35 -20.03
C ILE A 317 -5.88 -0.97 -20.17
N LEU A 318 -5.59 -1.62 -19.04
CA LEU A 318 -4.84 -2.88 -19.03
C LEU A 318 -5.41 -3.79 -17.99
N GLY A 319 -5.22 -5.10 -18.18
CA GLY A 319 -5.71 -6.06 -17.24
C GLY A 319 -5.91 -7.42 -17.85
N SER A 320 -6.86 -8.16 -17.29
CA SER A 320 -7.18 -9.49 -17.76
C SER A 320 -7.61 -9.27 -19.20
N PRO A 321 -7.49 -10.32 -20.03
CA PRO A 321 -7.88 -10.17 -21.44
C PRO A 321 -9.37 -10.11 -21.70
N GLU A 322 -10.14 -11.01 -21.10
CA GLU A 322 -11.60 -11.02 -21.32
C GLU A 322 -12.23 -9.74 -20.87
N ASP A 323 -11.59 -9.12 -19.91
CA ASP A 323 -12.09 -7.88 -19.33
C ASP A 323 -11.78 -6.66 -20.18
N VAL A 324 -10.58 -6.63 -20.73
CA VAL A 324 -10.19 -5.49 -21.56
C VAL A 324 -10.89 -5.54 -22.93
N THR A 325 -11.34 -6.73 -23.34
CA THR A 325 -12.01 -6.87 -24.62
C THR A 325 -13.47 -6.55 -24.47
N GLU A 326 -13.98 -6.63 -23.24
CA GLU A 326 -15.36 -6.26 -22.96
C GLU A 326 -15.42 -4.72 -23.09
N LEU A 327 -14.57 -4.02 -22.36
CA LEU A 327 -14.58 -2.55 -22.45
C LEU A 327 -14.32 -2.07 -23.91
N LEU A 328 -13.50 -2.82 -24.64
CA LEU A 328 -13.20 -2.41 -26.01
C LEU A 328 -14.48 -2.46 -26.81
N GLU A 329 -15.23 -3.56 -26.69
CA GLU A 329 -16.50 -3.72 -27.38
C GLU A 329 -17.39 -2.54 -27.10
N ILE A 330 -17.53 -2.22 -25.82
CA ILE A 330 -18.35 -1.13 -25.40
C ILE A 330 -17.84 0.10 -26.06
N TYR A 331 -16.54 0.21 -26.20
CA TYR A 331 -15.93 1.36 -26.84
C TYR A 331 -16.20 1.37 -28.35
N GLN A 332 -16.46 0.19 -28.91
CA GLN A 332 -16.76 0.05 -30.35
C GLN A 332 -18.24 0.39 -30.58
N LYS A 333 -19.07 -0.05 -29.65
CA LYS A 333 -20.52 0.15 -29.65
C LYS A 333 -20.85 1.65 -29.63
N HIS A 334 -19.92 2.43 -29.07
CA HIS A 334 -20.08 3.87 -28.97
C HIS A 334 -19.17 4.57 -29.96
N ALA A 335 -19.11 4.05 -31.19
CA ALA A 335 -18.26 4.59 -32.25
C ALA A 335 -18.20 6.12 -32.26
N ALA A 336 -17.00 6.66 -32.44
CA ALA A 336 -16.80 8.11 -32.47
C ALA A 336 -16.56 8.60 -33.89
N LYS A 337 -17.13 9.76 -34.19
CA LYS A 337 -16.99 10.41 -35.50
C LYS A 337 -16.67 11.89 -35.27
N THR B 1 5.66 25.71 23.40
CA THR B 1 5.73 26.49 24.64
C THR B 1 6.64 27.71 24.40
N ASP B 2 6.76 28.59 25.41
CA ASP B 2 7.41 29.91 25.20
C ASP B 2 8.96 29.97 24.98
N GLN B 3 9.89 30.23 25.95
CA GLN B 3 11.32 30.53 25.46
C GLN B 3 12.55 29.86 26.16
N ALA B 4 13.69 29.82 25.36
CA ALA B 4 14.98 29.17 25.79
C ALA B 4 16.22 29.43 24.85
N ALA B 5 17.02 28.34 24.65
CA ALA B 5 18.31 28.37 23.88
C ALA B 5 18.46 27.23 22.82
N PHE B 6 19.31 26.22 23.16
CA PHE B 6 19.59 25.07 22.26
C PHE B 6 18.89 23.80 22.74
N ASP B 7 17.89 23.35 21.95
CA ASP B 7 17.10 22.15 22.20
C ASP B 7 16.88 21.25 20.96
N THR B 8 17.80 20.31 20.75
CA THR B 8 17.73 19.34 19.65
C THR B 8 17.27 18.05 20.33
N ASN B 9 16.00 17.66 20.19
CA ASN B 9 15.54 16.47 20.88
C ASN B 9 15.09 15.25 20.08
N ILE B 10 15.40 13.99 20.40
CA ILE B 10 14.96 12.82 19.64
C ILE B 10 14.09 12.03 20.62
N VAL B 11 12.78 12.04 20.40
CA VAL B 11 11.83 11.32 21.25
C VAL B 11 11.61 9.91 20.71
N THR B 12 12.01 8.89 21.46
CA THR B 12 11.79 7.51 21.00
C THR B 12 10.55 6.98 21.75
N LEU B 13 9.73 6.19 21.05
CA LEU B 13 8.53 5.64 21.63
C LEU B 13 8.73 5.26 23.09
N THR B 14 9.67 4.35 23.34
CA THR B 14 9.96 3.88 24.66
C THR B 14 10.13 5.00 25.69
N ARG B 15 10.84 6.05 25.29
CA ARG B 15 11.06 7.24 26.11
C ARG B 15 9.74 7.92 26.40
N PHE B 16 8.99 8.19 25.34
CA PHE B 16 7.68 8.80 25.38
C PHE B 16 6.77 8.01 26.33
N VAL B 17 6.52 6.76 25.99
CA VAL B 17 5.69 5.88 26.79
C VAL B 17 6.13 5.94 28.24
N MET B 18 7.43 6.06 28.43
CA MET B 18 8.01 6.10 29.76
C MET B 18 7.66 7.40 30.45
N GLU B 19 7.95 8.52 29.80
CA GLU B 19 7.66 9.84 30.35
C GLU B 19 6.18 9.91 30.64
N GLN B 20 5.39 9.78 29.59
CA GLN B 20 3.93 9.83 29.72
C GLN B 20 3.37 9.07 30.93
N GLY B 21 3.91 7.89 31.19
CA GLY B 21 3.43 7.12 32.33
C GLY B 21 3.80 7.72 33.68
N ARG B 22 4.97 8.34 33.74
CA ARG B 22 5.43 8.96 34.98
C ARG B 22 4.55 10.15 35.35
N LYS B 23 4.16 10.92 34.34
CA LYS B 23 3.30 12.06 34.55
C LYS B 23 1.99 11.51 35.06
N ALA B 24 1.57 10.41 34.47
CA ALA B 24 0.32 9.80 34.88
C ALA B 24 0.44 9.38 36.31
N ARG B 25 1.68 9.20 36.74
CA ARG B 25 2.02 8.77 38.09
C ARG B 25 1.52 7.35 38.32
N GLY B 26 1.35 6.59 37.24
CA GLY B 26 0.89 5.23 37.37
C GLY B 26 2.02 4.31 37.74
N THR B 27 1.71 3.13 38.26
CA THR B 27 2.74 2.20 38.68
C THR B 27 3.71 1.75 37.55
N GLY B 28 3.15 1.44 36.37
CA GLY B 28 4.00 1.01 35.28
C GLY B 28 3.52 -0.28 34.69
N GLU B 29 2.39 -0.74 35.17
CA GLU B 29 1.81 -1.96 34.69
C GLU B 29 1.49 -1.75 33.22
N MET B 30 0.91 -0.59 32.91
CA MET B 30 0.55 -0.24 31.53
C MET B 30 1.80 -0.11 30.72
N THR B 31 2.65 0.87 31.08
CA THR B 31 3.92 1.11 30.41
C THR B 31 4.55 -0.23 30.02
N GLN B 32 4.44 -1.25 30.87
CA GLN B 32 4.96 -2.55 30.45
C GLN B 32 4.19 -2.98 29.22
N LEU B 33 2.87 -3.08 29.36
CA LEU B 33 1.97 -3.46 28.28
C LEU B 33 2.27 -2.67 27.01
N LEU B 34 2.42 -1.36 27.14
CA LEU B 34 2.72 -0.53 26.00
C LEU B 34 4.03 -0.91 25.30
N ASN B 35 5.03 -1.32 26.06
CA ASN B 35 6.32 -1.73 25.47
C ASN B 35 6.22 -3.09 24.85
N SER B 36 5.44 -3.98 25.45
CA SER B 36 5.28 -5.32 24.90
C SER B 36 4.62 -5.27 23.53
N LEU B 37 3.78 -4.25 23.31
CA LEU B 37 3.09 -4.09 22.03
C LEU B 37 4.12 -3.59 21.06
N CYS B 38 4.91 -2.65 21.53
CA CYS B 38 5.97 -2.06 20.75
C CYS B 38 6.86 -3.15 20.12
N THR B 39 7.23 -4.14 20.91
CA THR B 39 8.06 -5.22 20.42
C THR B 39 7.31 -6.15 19.45
N ALA B 40 6.03 -6.41 19.69
CA ALA B 40 5.26 -7.28 18.80
C ALA B 40 5.25 -6.62 17.43
N VAL B 41 4.88 -5.35 17.39
CA VAL B 41 4.83 -4.61 16.13
C VAL B 41 6.12 -4.75 15.31
N ALA B 42 7.28 -4.55 15.93
CA ALA B 42 8.54 -4.64 15.21
C ALA B 42 8.86 -6.05 14.68
N ALA B 43 8.58 -7.08 15.46
CA ALA B 43 8.83 -8.45 15.01
C ALA B 43 7.92 -8.88 13.85
N ILE B 44 6.71 -8.34 13.85
CA ILE B 44 5.68 -8.62 12.84
C ILE B 44 6.07 -7.89 11.60
N SER B 45 6.63 -6.69 11.76
CA SER B 45 7.07 -5.93 10.61
C SER B 45 8.11 -6.76 9.87
N THR B 46 9.02 -7.35 10.62
CA THR B 46 10.08 -8.15 10.04
C THR B 46 9.51 -9.33 9.27
N ALA B 47 8.51 -9.98 9.82
CA ALA B 47 7.84 -11.09 9.15
C ALA B 47 7.17 -10.57 7.88
N VAL B 48 6.48 -9.44 7.98
CA VAL B 48 5.78 -8.88 6.85
C VAL B 48 6.68 -8.53 5.67
N ARG B 49 7.91 -8.11 5.89
CA ARG B 49 8.81 -7.80 4.76
C ARG B 49 9.53 -9.05 4.29
N LYS B 50 9.06 -10.19 4.76
CA LYS B 50 9.58 -11.50 4.42
C LYS B 50 11.10 -11.56 4.51
N ALA B 51 11.59 -11.22 5.71
CA ALA B 51 13.02 -11.27 6.04
C ALA B 51 13.32 -12.74 6.38
N GLY B 52 14.28 -13.32 5.67
CA GLY B 52 14.61 -14.71 5.87
C GLY B 52 13.89 -15.56 4.82
N ILE B 53 13.12 -14.92 3.94
CA ILE B 53 12.38 -15.60 2.86
C ILE B 53 13.30 -16.56 2.09
N ALA B 54 14.60 -16.24 2.06
CA ALA B 54 15.59 -17.04 1.38
C ALA B 54 15.73 -18.49 1.90
N HIS B 55 15.63 -18.67 3.22
CA HIS B 55 15.74 -20.00 3.84
C HIS B 55 14.63 -20.98 3.42
N LEU B 56 13.42 -20.44 3.31
CA LEU B 56 12.23 -21.16 2.90
C LEU B 56 12.39 -21.61 1.45
N TYR B 57 13.18 -20.85 0.68
CA TYR B 57 13.42 -21.16 -0.72
C TYR B 57 14.81 -21.73 -1.03
N GLY B 58 15.21 -22.75 -0.30
CA GLY B 58 16.49 -23.39 -0.58
C GLY B 58 17.86 -22.76 -0.42
N ILE B 59 17.99 -21.60 0.22
CA ILE B 59 19.34 -21.08 0.36
C ILE B 59 20.03 -22.09 1.27
N ALA B 60 19.33 -22.48 2.32
CA ALA B 60 19.83 -23.47 3.27
C ALA B 60 19.60 -24.90 2.72
N GLY B 61 19.19 -24.96 1.45
CA GLY B 61 18.94 -26.24 0.81
C GLY B 61 17.48 -26.64 0.77
N SER B 62 16.59 -25.69 1.11
CA SER B 62 15.13 -25.91 1.14
C SER B 62 14.85 -27.05 2.11
N THR B 63 15.62 -27.02 3.22
CA THR B 63 15.56 -28.01 4.28
C THR B 63 14.20 -28.67 4.47
N ASN B 64 13.36 -28.07 5.31
CA ASN B 64 12.04 -28.62 5.59
C ASN B 64 11.00 -27.50 5.37
N VAL B 65 11.48 -26.36 4.86
CA VAL B 65 10.64 -25.18 4.62
C VAL B 65 9.99 -25.22 3.22
N THR B 66 8.73 -24.81 3.16
CA THR B 66 7.96 -24.77 1.93
C THR B 66 6.87 -23.68 2.04
N GLY B 67 6.77 -22.82 1.03
CA GLY B 67 5.78 -21.75 1.06
C GLY B 67 4.47 -22.08 0.38
N ASP B 68 3.43 -22.32 1.19
CA ASP B 68 2.08 -22.65 0.72
C ASP B 68 1.16 -22.86 1.94
N GLN B 69 1.08 -24.11 2.42
CA GLN B 69 0.27 -24.46 3.56
C GLN B 69 1.12 -24.90 4.74
N VAL B 70 2.02 -24.00 5.16
CA VAL B 70 2.91 -24.24 6.28
C VAL B 70 2.85 -23.06 7.28
N LYS B 71 3.92 -22.28 7.39
CA LYS B 71 3.96 -21.14 8.33
C LYS B 71 3.33 -19.86 7.75
N LYS B 72 2.07 -19.61 8.13
CA LYS B 72 1.34 -18.44 7.65
C LYS B 72 1.54 -17.20 8.52
N LEU B 73 1.52 -16.02 7.90
CA LEU B 73 1.73 -14.77 8.62
C LEU B 73 0.72 -14.45 9.71
N ASP B 74 -0.53 -14.85 9.50
CA ASP B 74 -1.56 -14.59 10.50
C ASP B 74 -1.26 -15.23 11.83
N VAL B 75 -1.22 -16.56 11.81
CA VAL B 75 -0.97 -17.38 12.98
C VAL B 75 0.25 -16.93 13.72
N LEU B 76 1.33 -16.73 12.98
CA LEU B 76 2.59 -16.29 13.55
C LEU B 76 2.34 -14.99 14.29
N SER B 77 1.62 -14.08 13.64
CA SER B 77 1.34 -12.80 14.25
C SER B 77 0.57 -12.99 15.53
N ASN B 78 -0.51 -13.75 15.44
CA ASN B 78 -1.36 -14.01 16.59
C ASN B 78 -0.57 -14.73 17.66
N ASP B 79 0.39 -15.54 17.24
CA ASP B 79 1.22 -16.25 18.21
C ASP B 79 2.05 -15.25 18.98
N LEU B 80 2.79 -14.42 18.25
CA LEU B 80 3.63 -13.42 18.86
C LEU B 80 2.85 -12.57 19.86
N VAL B 81 1.91 -11.80 19.33
CA VAL B 81 1.08 -10.91 20.12
C VAL B 81 0.56 -11.57 21.39
N ILE B 82 -0.07 -12.71 21.27
CA ILE B 82 -0.57 -13.36 22.47
C ILE B 82 0.57 -13.72 23.41
N ASN B 83 1.68 -14.19 22.86
CA ASN B 83 2.84 -14.55 23.66
C ASN B 83 3.40 -13.31 24.36
N VAL B 84 3.97 -12.44 23.55
CA VAL B 84 4.59 -11.21 23.99
C VAL B 84 3.71 -10.40 24.94
N LEU B 85 2.40 -10.56 24.80
CA LEU B 85 1.45 -9.85 25.65
C LEU B 85 1.21 -10.53 26.99
N LYS B 86 1.05 -11.86 27.01
CA LYS B 86 0.84 -12.55 28.30
C LYS B 86 2.05 -12.28 29.19
N SER B 87 3.23 -12.44 28.61
CA SER B 87 4.46 -12.24 29.33
C SER B 87 4.66 -10.80 29.78
N SER B 88 3.75 -9.92 29.44
CA SER B 88 3.90 -8.53 29.88
C SER B 88 3.51 -8.44 31.35
N PHE B 89 2.76 -9.46 31.79
CA PHE B 89 2.26 -9.58 33.15
C PHE B 89 1.32 -8.41 33.44
N ALA B 90 0.66 -7.93 32.39
CA ALA B 90 -0.24 -6.80 32.52
C ALA B 90 -1.63 -7.04 31.96
N THR B 91 -1.85 -8.17 31.33
CA THR B 91 -3.14 -8.50 30.71
C THR B 91 -3.87 -9.68 31.38
N CYS B 92 -5.20 -9.61 31.48
CA CYS B 92 -5.94 -10.74 32.08
C CYS B 92 -6.89 -11.39 31.10
N VAL B 93 -7.13 -10.71 29.95
CA VAL B 93 -8.02 -11.14 28.85
C VAL B 93 -7.62 -10.62 27.42
N LEU B 94 -7.33 -11.55 26.51
CA LEU B 94 -6.97 -11.20 25.14
C LEU B 94 -8.09 -11.60 24.20
N VAL B 95 -8.66 -10.64 23.49
CA VAL B 95 -9.73 -10.95 22.54
C VAL B 95 -9.13 -10.63 21.17
N THR B 96 -8.93 -11.66 20.37
CA THR B 96 -8.31 -11.45 19.07
C THR B 96 -9.19 -11.85 17.94
N GLU B 97 -8.97 -11.20 16.81
CA GLU B 97 -9.75 -11.42 15.61
C GLU B 97 -9.65 -12.90 15.24
N GLU B 98 -8.41 -13.38 15.20
CA GLU B 98 -8.12 -14.75 14.82
C GLU B 98 -8.45 -15.83 15.83
N ASP B 99 -8.76 -15.44 17.05
CA ASP B 99 -9.11 -16.45 18.04
C ASP B 99 -10.57 -16.35 18.43
N LYS B 100 -11.32 -17.40 18.12
CA LYS B 100 -12.76 -17.50 18.41
C LYS B 100 -13.18 -17.11 19.83
N ASN B 101 -12.49 -17.62 20.84
CA ASN B 101 -12.83 -17.32 22.22
C ASN B 101 -11.85 -16.39 22.93
N ALA B 102 -12.37 -15.67 23.93
CA ALA B 102 -11.59 -14.75 24.71
C ALA B 102 -10.57 -15.51 25.52
N ILE B 103 -9.31 -15.15 25.33
CA ILE B 103 -8.22 -15.79 26.04
C ILE B 103 -8.18 -15.25 27.46
N ILE B 104 -8.11 -16.14 28.44
CA ILE B 104 -8.04 -15.76 29.85
C ILE B 104 -6.66 -16.15 30.40
N VAL B 105 -5.85 -15.12 30.58
CA VAL B 105 -4.48 -15.24 31.06
C VAL B 105 -4.32 -15.97 32.40
N GLU B 106 -3.44 -16.99 32.42
CA GLU B 106 -3.13 -17.80 33.60
C GLU B 106 -2.74 -16.88 34.76
N PRO B 107 -3.34 -17.07 35.96
CA PRO B 107 -3.04 -16.22 37.13
C PRO B 107 -1.58 -15.80 37.37
N GLU B 108 -0.62 -16.71 37.16
CA GLU B 108 0.79 -16.36 37.35
C GLU B 108 1.20 -15.07 36.61
N LYS B 109 0.60 -14.85 35.43
CA LYS B 109 0.89 -13.70 34.57
C LYS B 109 -0.19 -12.65 34.44
N ARG B 110 -1.20 -12.71 35.30
CA ARG B 110 -2.31 -11.76 35.24
C ARG B 110 -1.98 -10.28 35.46
N GLY B 111 -2.76 -9.44 34.79
CA GLY B 111 -2.63 -8.00 34.89
C GLY B 111 -4.03 -7.43 34.80
N LYS B 112 -4.20 -6.18 35.21
CA LYS B 112 -5.52 -5.55 35.19
C LYS B 112 -5.87 -4.89 33.87
N TYR B 113 -5.53 -5.53 32.76
CA TYR B 113 -5.81 -4.94 31.44
C TYR B 113 -6.30 -5.92 30.42
N VAL B 114 -7.34 -5.52 29.72
CA VAL B 114 -7.99 -6.32 28.66
C VAL B 114 -7.44 -5.73 27.38
N VAL B 115 -7.08 -6.61 26.45
CA VAL B 115 -6.55 -6.15 25.19
C VAL B 115 -7.26 -6.88 24.07
N CYS B 116 -7.85 -6.08 23.18
CA CYS B 116 -8.60 -6.54 22.00
C CYS B 116 -7.72 -6.23 20.77
N PHE B 117 -7.47 -7.22 19.90
CA PHE B 117 -6.63 -6.97 18.73
C PHE B 117 -6.92 -7.80 17.46
N ASP B 118 -6.39 -7.31 16.35
CA ASP B 118 -6.48 -7.96 15.06
C ASP B 118 -4.99 -8.07 14.75
N PRO B 119 -4.39 -9.24 14.93
CA PRO B 119 -2.96 -9.39 14.67
C PRO B 119 -2.53 -8.89 13.29
N LEU B 120 -3.03 -9.49 12.22
CA LEU B 120 -2.67 -9.02 10.89
C LEU B 120 -3.95 -8.70 10.17
N ASP B 121 -4.04 -7.44 9.76
CA ASP B 121 -5.19 -6.93 9.06
C ASP B 121 -4.89 -6.88 7.60
N GLY B 122 -5.89 -7.23 6.81
CA GLY B 122 -5.76 -7.24 5.36
C GLY B 122 -4.81 -8.32 4.89
N SER B 123 -4.39 -9.16 5.84
CA SER B 123 -3.47 -10.28 5.63
C SER B 123 -3.74 -11.14 4.39
N SER B 124 -4.98 -11.12 3.93
CA SER B 124 -5.37 -11.88 2.75
C SER B 124 -4.67 -11.26 1.56
N ASN B 125 -4.78 -9.94 1.50
CA ASN B 125 -4.23 -9.11 0.44
C ASN B 125 -2.72 -8.82 0.60
N ILE B 126 -1.98 -9.83 1.06
CA ILE B 126 -0.53 -9.68 1.21
C ILE B 126 0.10 -10.27 -0.04
N ASP B 127 -0.61 -11.18 -0.69
CA ASP B 127 -0.11 -11.81 -1.92
C ASP B 127 0.09 -10.70 -2.95
N CYS B 128 -0.79 -9.70 -2.92
CA CYS B 128 -0.72 -8.54 -3.82
C CYS B 128 0.19 -7.50 -3.20
N LEU B 129 0.87 -7.89 -2.11
CA LEU B 129 1.81 -7.04 -1.37
C LEU B 129 1.26 -5.70 -0.91
N VAL B 130 -0.05 -5.59 -0.90
CA VAL B 130 -0.70 -4.35 -0.49
C VAL B 130 -0.53 -4.19 1.01
N SER B 131 -0.59 -2.93 1.47
CA SER B 131 -0.43 -2.53 2.88
C SER B 131 -1.33 -3.17 3.93
N ILE B 132 -0.73 -3.90 4.87
CA ILE B 132 -1.49 -4.50 5.96
C ILE B 132 -1.08 -3.83 7.28
N GLY B 133 -1.80 -4.11 8.37
CA GLY B 133 -1.48 -3.48 9.65
C GLY B 133 -1.97 -4.24 10.88
N THR B 134 -1.65 -3.74 12.07
CA THR B 134 -2.10 -4.41 13.31
C THR B 134 -2.89 -3.39 14.11
N ILE B 135 -4.06 -3.77 14.59
CA ILE B 135 -4.88 -2.83 15.33
C ILE B 135 -5.07 -3.38 16.72
N PHE B 136 -5.15 -2.48 17.69
CA PHE B 136 -5.32 -2.87 19.08
C PHE B 136 -6.05 -1.85 19.90
N GLY B 137 -6.73 -2.31 20.93
CA GLY B 137 -7.45 -1.42 21.83
C GLY B 137 -7.25 -1.94 23.23
N ILE B 138 -6.98 -1.05 24.18
CA ILE B 138 -6.80 -1.53 25.55
C ILE B 138 -7.84 -0.97 26.51
N TYR B 139 -8.49 -1.87 27.27
CA TYR B 139 -9.47 -1.46 28.29
C TYR B 139 -8.84 -1.88 29.64
N ARG B 140 -9.31 -1.28 30.72
CA ARG B 140 -8.85 -1.62 32.06
C ARG B 140 -9.96 -2.48 32.63
N LYS B 141 -9.61 -3.60 33.24
CA LYS B 141 -10.60 -4.48 33.83
C LYS B 141 -11.32 -3.79 35.01
N ASN B 142 -12.56 -3.36 34.75
CA ASN B 142 -13.38 -2.66 35.74
C ASN B 142 -14.29 -3.57 36.60
N SER B 143 -14.12 -4.89 36.46
CA SER B 143 -14.91 -5.84 37.23
C SER B 143 -14.20 -6.18 38.53
N THR B 144 -14.62 -7.29 39.11
CA THR B 144 -14.08 -7.82 40.36
C THR B 144 -14.10 -9.33 40.28
N ASP B 145 -14.98 -9.86 39.42
CA ASP B 145 -15.11 -11.28 39.22
C ASP B 145 -13.92 -11.76 38.39
N GLU B 146 -13.67 -13.08 38.41
CA GLU B 146 -12.58 -13.69 37.65
C GLU B 146 -12.72 -13.17 36.23
N PRO B 147 -11.61 -12.69 35.64
CA PRO B 147 -11.64 -12.17 34.27
C PRO B 147 -12.37 -13.08 33.30
N SER B 148 -13.65 -12.77 33.07
CA SER B 148 -14.51 -13.52 32.18
C SER B 148 -14.50 -12.82 30.83
N GLU B 149 -14.86 -13.56 29.79
CA GLU B 149 -14.94 -13.02 28.45
C GLU B 149 -15.68 -11.68 28.46
N LYS B 150 -16.65 -11.59 29.36
CA LYS B 150 -17.46 -10.40 29.51
C LYS B 150 -16.65 -9.10 29.61
N ASP B 151 -15.53 -9.14 30.34
CA ASP B 151 -14.67 -7.95 30.53
C ASP B 151 -14.24 -7.22 29.26
N ALA B 152 -14.29 -7.92 28.12
CA ALA B 152 -13.93 -7.30 26.86
C ALA B 152 -15.09 -6.39 26.42
N LEU B 153 -16.32 -6.88 26.62
CA LEU B 153 -17.55 -6.20 26.21
C LEU B 153 -17.80 -4.83 26.78
N GLN B 154 -17.01 -3.84 26.39
CA GLN B 154 -17.20 -2.51 26.91
C GLN B 154 -17.20 -1.47 25.78
N PRO B 155 -18.09 -0.47 25.85
CA PRO B 155 -18.11 0.54 24.79
C PRO B 155 -16.71 1.08 24.51
N GLY B 156 -16.42 1.39 23.26
CA GLY B 156 -15.11 1.91 22.92
C GLY B 156 -14.79 3.15 23.74
N ARG B 157 -15.84 3.82 24.20
CA ARG B 157 -15.72 5.01 25.01
C ARG B 157 -14.89 4.69 26.25
N ASN B 158 -14.85 3.42 26.63
CA ASN B 158 -14.11 2.95 27.81
C ASN B 158 -12.63 2.65 27.56
N LEU B 159 -12.17 2.82 26.32
CA LEU B 159 -10.77 2.54 25.99
C LEU B 159 -9.82 3.42 26.80
N VAL B 160 -8.70 2.85 27.20
CA VAL B 160 -7.68 3.59 27.95
C VAL B 160 -6.53 4.03 27.03
N ALA B 161 -6.40 3.34 25.90
CA ALA B 161 -5.38 3.62 24.89
C ALA B 161 -5.69 2.75 23.69
N ALA B 162 -5.45 3.28 22.50
CA ALA B 162 -5.74 2.53 21.29
C ALA B 162 -4.83 2.96 20.20
N GLY B 163 -4.76 2.20 19.13
CA GLY B 163 -3.89 2.58 18.05
C GLY B 163 -3.71 1.44 17.10
N TYR B 164 -2.92 1.68 16.06
CA TYR B 164 -2.65 0.70 15.03
C TYR B 164 -1.23 0.84 14.48
N ALA B 165 -0.69 -0.24 13.91
CA ALA B 165 0.64 -0.22 13.32
C ALA B 165 0.50 -0.49 11.85
N LEU B 166 0.85 0.49 11.04
CA LEU B 166 0.80 0.34 9.58
C LEU B 166 2.12 -0.19 9.02
N TYR B 167 2.07 -1.25 8.22
CA TYR B 167 3.28 -1.84 7.61
C TYR B 167 3.31 -1.49 6.12
N GLY B 168 3.16 -0.22 5.82
CA GLY B 168 3.16 0.21 4.43
C GLY B 168 4.56 0.26 3.83
N SER B 169 4.79 1.28 3.01
CA SER B 169 6.07 1.47 2.35
C SER B 169 7.14 1.74 3.40
N ALA B 170 6.68 1.99 4.61
CA ALA B 170 7.48 2.29 5.79
C ALA B 170 6.55 1.89 6.93
N THR B 171 7.08 1.59 8.10
CA THR B 171 6.23 1.14 9.21
C THR B 171 5.83 2.22 10.21
N MET B 172 4.55 2.42 10.42
CA MET B 172 4.16 3.47 11.36
C MET B 172 3.34 2.95 12.52
N LEU B 173 3.62 3.44 13.70
CA LEU B 173 2.86 3.02 14.84
C LEU B 173 2.10 4.27 15.31
N VAL B 174 0.77 4.22 15.23
CA VAL B 174 -0.03 5.36 15.66
C VAL B 174 -0.61 5.01 17.00
N LEU B 175 -0.37 5.88 17.96
CA LEU B 175 -0.82 5.68 19.32
C LEU B 175 -1.75 6.78 19.74
N ALA B 176 -2.83 6.43 20.42
CA ALA B 176 -3.77 7.43 20.86
C ALA B 176 -4.16 7.15 22.29
N MET B 177 -4.20 8.21 23.09
CA MET B 177 -4.55 8.17 24.50
C MET B 177 -5.27 9.48 24.86
N VAL B 178 -5.96 9.48 25.99
CA VAL B 178 -6.68 10.65 26.54
C VAL B 178 -6.23 11.99 25.99
N ASN B 179 -4.96 12.28 26.21
CA ASN B 179 -4.40 13.55 25.79
C ASN B 179 -4.00 13.79 24.32
N GLY B 180 -3.95 12.74 23.47
CA GLY B 180 -3.61 12.96 22.08
C GLY B 180 -3.28 11.79 21.16
N VAL B 181 -3.12 12.08 19.87
CA VAL B 181 -2.76 11.02 18.91
C VAL B 181 -1.36 11.32 18.43
N ASN B 182 -0.44 10.39 18.66
CA ASN B 182 0.95 10.56 18.21
C ASN B 182 1.43 9.43 17.33
N CYS B 183 2.06 9.82 16.23
CA CYS B 183 2.60 8.91 15.23
C CYS B 183 4.12 8.75 15.38
N PHE B 184 4.53 7.51 15.60
CA PHE B 184 5.91 7.15 15.77
C PHE B 184 6.32 6.30 14.58
N MET B 185 7.52 6.53 14.05
CA MET B 185 7.97 5.74 12.94
C MET B 185 9.22 4.94 13.19
N LEU B 186 9.19 3.72 12.69
CA LEU B 186 10.26 2.78 12.80
C LEU B 186 11.44 3.08 11.88
N ASP B 187 12.62 3.09 12.50
CA ASP B 187 13.88 3.26 11.79
C ASP B 187 14.38 1.85 11.97
N PRO B 188 14.23 1.02 10.95
CA PRO B 188 14.66 -0.38 10.97
C PRO B 188 16.14 -0.64 11.31
N ALA B 189 17.04 0.25 10.87
CA ALA B 189 18.48 0.12 11.14
C ALA B 189 18.80 0.00 12.63
N ILE B 190 18.07 0.73 13.44
CA ILE B 190 18.32 0.70 14.84
C ILE B 190 17.16 0.12 15.66
N GLY B 191 16.10 -0.33 15.01
CA GLY B 191 14.94 -0.87 15.72
C GLY B 191 14.35 0.09 16.75
N GLU B 192 13.98 1.28 16.27
CA GLU B 192 13.46 2.25 17.20
C GLU B 192 12.37 3.08 16.54
N PHE B 193 11.32 3.39 17.26
CA PHE B 193 10.23 4.18 16.73
C PHE B 193 10.45 5.62 17.15
N ILE B 194 10.62 6.53 16.22
CA ILE B 194 10.86 7.94 16.56
C ILE B 194 9.57 8.73 16.37
N LEU B 195 9.31 9.68 17.27
CA LEU B 195 8.11 10.51 17.18
C LEU B 195 8.36 11.40 15.98
N VAL B 196 7.58 11.22 14.91
CA VAL B 196 7.74 12.02 13.69
C VAL B 196 6.60 12.99 13.59
N ASP B 197 5.56 12.71 14.39
CA ASP B 197 4.37 13.54 14.43
C ASP B 197 3.81 13.54 15.83
N ARG B 198 3.51 14.74 16.31
CA ARG B 198 3.04 14.95 17.65
C ARG B 198 1.68 15.63 17.61
N ASN B 199 0.75 15.13 18.43
CA ASN B 199 -0.61 15.68 18.58
C ASN B 199 -1.30 15.87 17.25
N VAL B 200 -1.51 14.77 16.55
CA VAL B 200 -2.13 14.81 15.24
C VAL B 200 -3.62 15.13 15.36
N LYS B 201 -4.07 16.14 14.61
CA LYS B 201 -5.47 16.56 14.53
C LYS B 201 -5.81 16.46 13.03
N ILE B 202 -7.03 16.09 12.68
CA ILE B 202 -7.42 15.91 11.29
C ILE B 202 -8.12 17.13 10.65
N LYS B 203 -7.97 17.29 9.33
CA LYS B 203 -8.58 18.41 8.62
C LYS B 203 -10.09 18.43 8.78
N LYS B 204 -10.66 19.62 8.97
CA LYS B 204 -12.10 19.77 9.13
C LYS B 204 -12.84 19.16 7.94
N LYS B 205 -12.41 19.50 6.72
CA LYS B 205 -13.03 18.97 5.54
C LYS B 205 -11.94 18.41 4.64
N GLY B 206 -12.28 17.37 3.90
CA GLY B 206 -11.32 16.73 3.00
C GLY B 206 -11.73 16.74 1.54
N SER B 207 -11.11 15.88 0.73
CA SER B 207 -11.43 15.84 -0.68
C SER B 207 -11.23 14.46 -1.23
N ILE B 208 -11.57 13.47 -0.41
CA ILE B 208 -11.41 12.07 -0.78
C ILE B 208 -12.47 11.33 -0.02
N TYR B 209 -13.12 10.39 -0.70
CA TYR B 209 -14.09 9.54 -0.06
C TYR B 209 -13.53 8.17 -0.32
N SER B 210 -13.61 7.28 0.66
CA SER B 210 -13.08 5.96 0.51
C SER B 210 -14.19 4.97 0.72
N ILE B 211 -14.50 4.20 -0.31
CA ILE B 211 -15.55 3.22 -0.24
C ILE B 211 -15.48 2.26 -1.41
N ASN B 212 -15.93 1.04 -1.17
CA ASN B 212 -15.93 0.02 -2.19
C ASN B 212 -17.17 0.28 -2.97
N GLU B 213 -17.04 1.07 -4.02
CA GLU B 213 -18.17 1.39 -4.87
C GLU B 213 -18.86 0.18 -5.53
N GLY B 214 -18.17 -0.96 -5.59
CA GLY B 214 -18.76 -2.14 -6.21
C GLY B 214 -20.02 -2.65 -5.56
N TYR B 215 -20.35 -2.14 -4.38
CA TYR B 215 -21.55 -2.57 -3.68
C TYR B 215 -22.71 -1.62 -3.96
N ALA B 216 -22.50 -0.69 -4.87
CA ALA B 216 -23.49 0.31 -5.23
C ALA B 216 -24.87 -0.26 -5.29
N LYS B 217 -24.97 -1.42 -5.93
CA LYS B 217 -26.24 -2.08 -6.09
C LYS B 217 -26.99 -2.29 -4.78
N GLU B 218 -26.26 -2.51 -3.69
CA GLU B 218 -26.89 -2.77 -2.40
C GLU B 218 -26.73 -1.69 -1.34
N PHE B 219 -26.16 -0.57 -1.71
CA PHE B 219 -25.99 0.53 -0.77
C PHE B 219 -27.31 1.13 -0.43
N ASP B 220 -27.42 1.70 0.77
CA ASP B 220 -28.65 2.34 1.17
C ASP B 220 -28.78 3.68 0.43
N PRO B 221 -30.00 4.21 0.31
CA PRO B 221 -30.20 5.48 -0.38
C PRO B 221 -29.42 6.67 0.14
N ALA B 222 -29.22 6.76 1.44
CA ALA B 222 -28.50 7.90 1.99
C ALA B 222 -27.07 7.95 1.48
N ILE B 223 -26.43 6.77 1.39
CA ILE B 223 -25.05 6.61 0.90
C ILE B 223 -24.99 6.93 -0.59
N THR B 224 -25.85 6.28 -1.35
CA THR B 224 -25.96 6.51 -2.79
C THR B 224 -25.97 8.02 -3.09
N GLU B 225 -26.75 8.77 -2.31
CA GLU B 225 -26.86 10.20 -2.48
C GLU B 225 -25.54 10.87 -2.14
N TYR B 226 -24.96 10.56 -0.96
CA TYR B 226 -23.68 11.18 -0.58
C TYR B 226 -22.62 11.08 -1.67
N ILE B 227 -22.44 9.87 -2.21
CA ILE B 227 -21.46 9.56 -3.23
C ILE B 227 -21.66 10.34 -4.51
N GLN B 228 -22.90 10.36 -4.99
CA GLN B 228 -23.24 11.08 -6.21
C GLN B 228 -22.86 12.53 -6.03
N ARG B 229 -23.03 13.02 -4.81
CA ARG B 229 -22.69 14.41 -4.52
C ARG B 229 -21.17 14.65 -4.59
N LYS B 230 -20.39 13.60 -4.31
CA LYS B 230 -18.94 13.76 -4.38
C LYS B 230 -18.54 13.72 -5.83
N LYS B 231 -19.12 12.79 -6.58
CA LYS B 231 -18.82 12.64 -8.00
C LYS B 231 -19.31 13.86 -8.78
N PHE B 232 -20.62 14.12 -8.73
CA PHE B 232 -21.22 15.28 -9.39
C PHE B 232 -21.66 16.29 -8.33
N PRO B 233 -20.79 17.24 -7.98
CA PRO B 233 -21.05 18.25 -6.97
C PRO B 233 -22.03 19.32 -7.43
N PRO B 234 -23.06 19.60 -6.60
CA PRO B 234 -24.14 20.57 -6.80
C PRO B 234 -23.66 21.96 -7.18
N ASP B 235 -23.03 22.61 -6.20
CA ASP B 235 -22.52 23.96 -6.34
C ASP B 235 -21.39 24.11 -7.36
N ASN B 236 -21.11 23.03 -8.07
CA ASN B 236 -20.04 23.02 -9.05
C ASN B 236 -18.69 23.50 -8.52
N SER B 237 -18.10 22.64 -7.69
CA SER B 237 -16.78 22.85 -7.11
C SER B 237 -16.00 21.63 -7.65
N ALA B 238 -14.86 21.32 -7.07
CA ALA B 238 -14.12 20.16 -7.55
C ALA B 238 -14.72 18.89 -6.93
N PRO B 239 -14.87 17.84 -7.75
CA PRO B 239 -15.42 16.59 -7.23
C PRO B 239 -14.41 16.01 -6.25
N TYR B 240 -14.79 14.98 -5.54
CA TYR B 240 -13.86 14.40 -4.60
C TYR B 240 -13.05 13.32 -5.29
N GLY B 241 -11.74 13.33 -5.05
CA GLY B 241 -10.89 12.28 -5.58
C GLY B 241 -11.25 11.00 -4.82
N ALA B 242 -11.27 9.85 -5.48
CA ALA B 242 -11.62 8.63 -4.75
C ALA B 242 -10.44 7.75 -4.44
N ARG B 243 -10.53 6.98 -3.36
CA ARG B 243 -9.49 6.05 -2.99
C ARG B 243 -10.08 4.83 -2.30
N TYR B 244 -9.50 3.67 -2.53
CA TYR B 244 -9.92 2.43 -1.88
C TYR B 244 -8.80 1.42 -2.04
N VAL B 245 -7.98 1.32 -1.00
CA VAL B 245 -6.84 0.42 -1.00
C VAL B 245 -7.32 -0.97 -0.75
N GLY B 246 -8.36 -1.09 0.05
CA GLY B 246 -8.87 -2.42 0.35
C GLY B 246 -8.31 -2.97 1.64
N SER B 247 -7.68 -2.10 2.41
CA SER B 247 -7.11 -2.47 3.68
C SER B 247 -7.48 -1.37 4.64
N MET B 248 -8.19 -1.75 5.70
CA MET B 248 -8.62 -0.76 6.65
C MET B 248 -7.50 0.15 7.18
N VAL B 249 -6.39 -0.42 7.62
CA VAL B 249 -5.35 0.42 8.16
C VAL B 249 -4.85 1.46 7.19
N ALA B 250 -4.73 1.09 5.91
CA ALA B 250 -4.24 2.00 4.92
C ALA B 250 -5.20 3.11 4.64
N ASP B 251 -6.49 2.81 4.65
CA ASP B 251 -7.46 3.85 4.37
C ASP B 251 -7.69 4.80 5.52
N VAL B 252 -7.83 4.23 6.72
CA VAL B 252 -8.03 5.03 7.91
C VAL B 252 -6.84 5.97 8.06
N HIS B 253 -5.65 5.42 7.90
CA HIS B 253 -4.45 6.21 8.05
C HIS B 253 -4.33 7.34 7.05
N ARG B 254 -4.64 7.09 5.80
CA ARG B 254 -4.55 8.16 4.81
C ARG B 254 -5.63 9.18 5.14
N THR B 255 -6.77 8.72 5.67
CA THR B 255 -7.88 9.62 6.03
C THR B 255 -7.40 10.53 7.17
N LEU B 256 -6.68 9.94 8.12
CA LEU B 256 -6.15 10.68 9.26
C LEU B 256 -5.12 11.75 8.89
N VAL B 257 -4.41 11.53 7.79
CA VAL B 257 -3.35 12.42 7.30
C VAL B 257 -3.76 13.48 6.26
N TYR B 258 -4.45 13.09 5.18
CA TYR B 258 -4.88 14.03 4.15
C TYR B 258 -6.32 14.49 4.41
N GLY B 259 -7.01 13.73 5.26
CA GLY B 259 -8.39 14.03 5.59
C GLY B 259 -9.28 13.24 4.65
N GLY B 260 -10.49 13.73 4.46
CA GLY B 260 -11.40 13.02 3.59
C GLY B 260 -12.21 12.15 4.50
N ILE B 261 -12.89 11.14 3.95
CA ILE B 261 -13.76 10.28 4.74
C ILE B 261 -13.75 8.79 4.30
N PHE B 262 -13.94 7.87 5.26
CA PHE B 262 -13.94 6.44 4.99
C PHE B 262 -15.32 5.93 5.31
N MET B 263 -15.76 4.87 4.65
CA MET B 263 -17.09 4.37 4.90
C MET B 263 -17.09 2.91 4.58
N TYR B 264 -17.82 2.15 5.37
CA TYR B 264 -18.00 0.74 5.14
C TYR B 264 -19.38 0.43 5.71
N PRO B 265 -20.42 0.97 5.05
CA PRO B 265 -21.84 0.87 5.35
C PRO B 265 -22.40 -0.54 5.43
N ALA B 266 -23.65 -0.64 5.83
CA ALA B 266 -24.32 -1.92 5.92
C ALA B 266 -24.93 -2.18 4.54
N ASN B 267 -24.90 -3.45 4.14
CA ASN B 267 -25.45 -3.91 2.86
C ASN B 267 -25.98 -5.32 3.10
N LYS B 268 -26.99 -5.76 2.35
CA LYS B 268 -27.48 -7.11 2.58
C LYS B 268 -26.49 -8.16 2.09
N LYS B 269 -25.88 -8.80 3.10
CA LYS B 269 -24.85 -9.85 3.01
C LYS B 269 -24.22 -9.65 4.38
N SER B 270 -23.91 -8.38 4.67
CA SER B 270 -23.34 -7.93 5.92
C SER B 270 -24.17 -6.71 6.33
N PRO B 271 -25.46 -6.90 6.66
CA PRO B 271 -26.31 -5.79 7.06
C PRO B 271 -25.88 -5.17 8.39
N LYS B 272 -24.84 -5.76 8.99
CA LYS B 272 -24.27 -5.24 10.23
C LYS B 272 -22.84 -4.76 9.94
N GLY B 273 -22.50 -4.74 8.66
CA GLY B 273 -21.18 -4.32 8.24
C GLY B 273 -20.25 -5.52 8.26
N LYS B 274 -19.04 -5.31 7.78
CA LYS B 274 -18.04 -6.36 7.73
C LYS B 274 -17.09 -6.20 8.90
N LEU B 275 -16.73 -4.95 9.18
CA LEU B 275 -15.78 -4.64 10.24
C LEU B 275 -16.32 -4.92 11.62
N ARG B 276 -15.42 -5.41 12.50
CA ARG B 276 -15.72 -5.76 13.89
C ARG B 276 -15.63 -4.56 14.79
N LEU B 277 -16.36 -4.66 15.89
CA LEU B 277 -16.46 -3.58 16.83
C LEU B 277 -15.30 -3.45 17.77
N LEU B 278 -15.08 -4.50 18.56
CA LEU B 278 -14.00 -4.53 19.55
C LEU B 278 -12.57 -4.27 19.06
N TYR B 279 -12.17 -4.88 17.95
CA TYR B 279 -10.80 -4.72 17.43
C TYR B 279 -10.56 -4.22 16.00
N GLU B 280 -11.44 -3.37 15.48
CA GLU B 280 -11.30 -2.80 14.14
C GLU B 280 -11.94 -1.44 14.20
N CYS B 281 -13.26 -1.43 14.34
CA CYS B 281 -14.02 -0.21 14.41
C CYS B 281 -13.62 0.65 15.61
N ASN B 282 -13.82 0.11 16.81
CA ASN B 282 -13.54 0.85 18.02
C ASN B 282 -12.17 1.49 18.09
N PRO B 283 -11.09 0.70 17.97
CA PRO B 283 -9.78 1.38 18.03
C PRO B 283 -9.63 2.50 17.02
N MET B 284 -10.20 2.34 15.84
CA MET B 284 -10.08 3.37 14.78
C MET B 284 -10.98 4.51 15.07
N ALA B 285 -12.12 4.19 15.63
CA ALA B 285 -13.07 5.24 15.99
C ALA B 285 -12.41 6.11 17.04
N TYR B 286 -11.83 5.45 18.05
CA TYR B 286 -11.17 6.13 19.15
C TYR B 286 -10.09 7.13 18.66
N VAL B 287 -9.28 6.69 17.69
CA VAL B 287 -8.20 7.51 17.13
C VAL B 287 -8.80 8.72 16.41
N MET B 288 -9.80 8.47 15.57
CA MET B 288 -10.45 9.55 14.83
C MET B 288 -10.91 10.62 15.78
N GLU B 289 -11.55 10.19 16.87
CA GLU B 289 -12.08 11.09 17.85
C GLU B 289 -10.98 11.93 18.47
N LYS B 290 -9.98 11.29 19.05
CA LYS B 290 -8.86 12.00 19.65
C LYS B 290 -8.15 12.93 18.66
N ALA B 291 -8.35 12.67 17.38
CA ALA B 291 -7.72 13.47 16.33
C ALA B 291 -8.60 14.67 15.95
N GLY B 292 -9.84 14.67 16.44
CA GLY B 292 -10.75 15.75 16.13
C GLY B 292 -11.72 15.44 14.99
N GLY B 293 -11.80 14.16 14.62
CA GLY B 293 -12.68 13.70 13.55
C GLY B 293 -13.90 12.97 14.11
N LEU B 294 -14.66 12.26 13.28
CA LEU B 294 -15.85 11.58 13.78
C LEU B 294 -16.01 10.17 13.28
N ALA B 295 -16.45 9.28 14.14
CA ALA B 295 -16.67 7.92 13.74
C ALA B 295 -18.11 7.62 14.05
N THR B 296 -18.95 7.49 13.04
CA THR B 296 -20.37 7.19 13.24
C THR B 296 -20.80 5.95 12.49
N THR B 297 -21.85 5.26 12.99
CA THR B 297 -22.42 4.07 12.34
C THR B 297 -23.46 4.57 11.33
N GLY B 298 -23.60 5.89 11.25
CA GLY B 298 -24.56 6.48 10.34
C GLY B 298 -25.76 7.02 11.09
N LYS B 299 -26.22 6.28 12.11
CA LYS B 299 -27.37 6.67 12.96
C LYS B 299 -26.87 7.10 14.34
N GLU B 300 -26.11 6.23 15.01
CA GLU B 300 -25.56 6.60 16.31
C GLU B 300 -24.09 7.00 16.29
N ALA B 301 -23.22 6.29 17.00
CA ALA B 301 -21.79 6.62 17.06
C ALA B 301 -21.06 5.38 17.55
N VAL B 302 -19.91 5.10 16.97
CA VAL B 302 -19.21 3.86 17.27
C VAL B 302 -18.86 3.56 18.68
N LEU B 303 -18.30 4.56 19.36
CA LEU B 303 -17.84 4.37 20.72
C LEU B 303 -18.88 4.22 21.79
N ASP B 304 -20.11 4.60 21.51
CA ASP B 304 -21.17 4.47 22.51
C ASP B 304 -21.88 3.15 22.42
N ILE B 305 -21.62 2.41 21.34
CA ILE B 305 -22.22 1.10 21.15
C ILE B 305 -21.75 0.21 22.30
N VAL B 306 -22.65 -0.61 22.85
CA VAL B 306 -22.31 -1.53 23.93
C VAL B 306 -22.44 -2.93 23.38
N PRO B 307 -21.31 -3.60 23.19
CA PRO B 307 -21.14 -4.96 22.66
C PRO B 307 -21.86 -6.02 23.49
N THR B 308 -22.13 -7.14 22.82
CA THR B 308 -22.82 -8.31 23.39
C THR B 308 -22.15 -9.57 22.87
N ASP B 309 -21.25 -9.38 21.91
CA ASP B 309 -20.53 -10.48 21.32
C ASP B 309 -19.19 -9.87 21.08
N ILE B 310 -18.13 -10.59 21.42
CA ILE B 310 -16.82 -10.05 21.21
C ILE B 310 -16.51 -9.94 19.72
N HIS B 311 -17.17 -10.78 18.93
CA HIS B 311 -16.95 -10.72 17.48
C HIS B 311 -18.01 -9.97 16.67
N GLN B 312 -18.82 -9.14 17.31
CA GLN B 312 -19.88 -8.45 16.57
C GLN B 312 -19.36 -7.40 15.60
N ARG B 313 -19.99 -7.33 14.42
CA ARG B 313 -19.61 -6.38 13.38
C ARG B 313 -20.37 -5.11 13.58
N ALA B 314 -20.02 -4.07 12.84
CA ALA B 314 -20.73 -2.80 12.93
C ALA B 314 -20.37 -1.97 11.75
N PRO B 315 -21.33 -1.16 11.27
CA PRO B 315 -21.02 -0.31 10.13
C PRO B 315 -20.13 0.72 10.73
N ILE B 316 -19.46 1.52 9.89
CA ILE B 316 -18.56 2.54 10.40
C ILE B 316 -18.28 3.51 9.29
N ILE B 317 -18.33 4.79 9.64
CA ILE B 317 -18.09 5.90 8.73
C ILE B 317 -17.22 6.85 9.55
N LEU B 318 -16.03 7.17 9.06
CA LEU B 318 -15.20 8.05 9.84
C LEU B 318 -14.30 8.86 8.96
N GLY B 319 -14.01 10.07 9.39
CA GLY B 319 -13.14 10.92 8.62
C GLY B 319 -13.28 12.33 9.12
N SER B 320 -12.88 13.30 8.30
CA SER B 320 -12.96 14.73 8.60
C SER B 320 -14.31 15.00 9.20
N PRO B 321 -14.38 15.89 10.22
CA PRO B 321 -15.70 16.16 10.82
C PRO B 321 -16.73 16.76 9.89
N GLU B 322 -16.33 17.69 9.06
CA GLU B 322 -17.27 18.34 8.15
C GLU B 322 -17.91 17.46 7.08
N ASP B 323 -17.14 16.48 6.61
CA ASP B 323 -17.63 15.54 5.60
C ASP B 323 -18.58 14.57 6.26
N VAL B 324 -18.16 14.03 7.39
CA VAL B 324 -18.97 13.06 8.12
C VAL B 324 -20.25 13.72 8.65
N THR B 325 -20.23 15.04 8.83
CA THR B 325 -21.42 15.79 9.28
C THR B 325 -22.42 15.76 8.12
N GLU B 326 -21.88 16.07 6.93
CA GLU B 326 -22.63 16.09 5.70
C GLU B 326 -23.39 14.79 5.48
N LEU B 327 -22.72 13.66 5.68
CA LEU B 327 -23.33 12.34 5.49
C LEU B 327 -24.30 11.95 6.60
N LEU B 328 -24.09 12.52 7.80
CA LEU B 328 -24.96 12.20 8.90
C LEU B 328 -26.31 12.85 8.69
N GLU B 329 -26.31 14.06 8.16
CA GLU B 329 -27.57 14.77 7.88
C GLU B 329 -28.36 14.02 6.82
N ILE B 330 -27.68 13.66 5.73
CA ILE B 330 -28.32 12.92 4.66
C ILE B 330 -28.96 11.64 5.24
N TYR B 331 -28.41 11.10 6.32
CA TYR B 331 -29.02 9.92 6.91
C TYR B 331 -30.27 10.33 7.65
N GLN B 332 -30.24 11.51 8.26
CA GLN B 332 -31.36 12.08 9.01
C GLN B 332 -32.54 12.26 8.07
N LYS B 333 -32.25 12.96 6.98
CA LYS B 333 -33.23 13.25 5.96
C LYS B 333 -34.01 11.98 5.59
N HIS B 334 -33.29 10.88 5.36
CA HIS B 334 -33.90 9.61 4.97
C HIS B 334 -34.41 8.77 6.14
N ALA B 335 -33.84 8.98 7.33
CA ALA B 335 -34.23 8.25 8.53
C ALA B 335 -35.72 8.37 8.80
N ALA B 336 -36.31 7.26 9.23
CA ALA B 336 -37.74 7.18 9.55
C ALA B 336 -38.07 5.88 10.33
N LYS B 337 -39.37 5.62 10.54
CA LYS B 337 -39.84 4.43 11.28
C LYS B 337 -40.47 3.34 10.40
O1 F6P C . 2.80 8.78 -11.74
C1 F6P C . 1.37 9.23 -11.54
C2 F6P C . 0.47 8.46 -10.51
O2 F6P C . 1.32 8.15 -9.42
C3 F6P C . -0.19 7.16 -11.04
O3 F6P C . 0.73 6.10 -11.00
C4 F6P C . -1.38 6.98 -10.15
O4 F6P C . -2.24 5.91 -10.42
C5 F6P C . -1.88 8.39 -10.24
O5 F6P C . -0.63 9.15 -10.02
C6 F6P C . -3.00 8.69 -9.35
O6 F6P C . -3.82 9.65 -10.13
P F6P C . -5.21 10.29 -9.60
O1P F6P C . -6.32 9.32 -9.89
O2P F6P C . -5.17 10.58 -8.12
O3P F6P C . -5.55 11.61 -10.23
MN MN D . 4.65 8.32 -12.11
P AMP E . 24.47 -7.32 -24.91
O1P AMP E . 24.28 -5.87 -24.95
O2P AMP E . 25.60 -7.62 -25.89
O3P AMP E . 24.99 -7.73 -23.51
O5' AMP E . 23.24 -8.25 -25.20
C5' AMP E . 22.97 -8.61 -26.58
C4' AMP E . 21.52 -8.79 -26.69
O4' AMP E . 21.14 -10.11 -26.26
C3' AMP E . 20.61 -7.86 -25.87
O3' AMP E . 20.15 -6.78 -26.65
C2' AMP E . 19.44 -8.75 -25.45
O2' AMP E . 18.40 -8.74 -26.39
C1' AMP E . 20.05 -10.17 -25.41
N9 AMP E . 20.57 -10.39 -24.03
C8 AMP E . 21.83 -10.20 -23.50
N7 AMP E . 21.84 -10.38 -22.17
C5 AMP E . 20.55 -10.72 -21.91
C6 AMP E . 20.01 -11.05 -20.67
N6 AMP E . 20.78 -11.04 -19.62
N1 AMP E . 18.66 -11.35 -20.66
C2 AMP E . 17.88 -11.32 -21.87
N3 AMP E . 18.39 -11.01 -23.13
C4 AMP E . 19.75 -10.72 -23.07
O1 F6P F . -11.59 -6.64 8.23
C1 F6P F . -12.08 -6.58 6.89
C2 F6P F . -11.00 -6.21 5.84
O2 F6P F . -9.96 -7.17 5.93
C3 F6P F . -10.51 -4.75 6.01
O3 F6P F . -9.12 -4.66 6.18
C4 F6P F . -10.89 -3.96 4.78
O4 F6P F . -11.03 -2.54 4.99
C5 F6P F . -12.04 -4.83 4.24
O5 F6P F . -11.48 -6.16 4.53
C6 F6P F . -12.35 -4.46 2.82
O6 F6P F . -12.88 -5.51 1.89
P F6P F . -14.12 -5.24 0.91
O1P F6P F . -14.43 -3.76 0.86
O2P F6P F . -13.92 -5.65 -0.56
O3P F6P F . -15.29 -6.02 1.44
MN MN G . -9.25 -7.10 10.13
P AMP H . -0.86 1.57 35.79
O1P AMP H . -0.46 1.36 37.24
O2P AMP H . 0.48 1.25 35.21
O3P AMP H . -1.89 0.56 35.39
O5' AMP H . -1.20 3.05 35.31
C5' AMP H . -2.50 3.51 35.79
C4' AMP H . -3.04 4.40 34.82
O4' AMP H . -2.28 5.61 34.67
C3' AMP H . -3.12 3.81 33.42
O3' AMP H . -4.29 3.12 33.13
C2' AMP H . -3.19 5.08 32.58
O2' AMP H . -4.50 5.60 32.55
C1' AMP H . -2.16 5.98 33.31
N9 AMP H . -0.84 5.62 32.64
C8 AMP H . 0.11 4.70 33.05
N7 AMP H . 1.11 4.56 32.12
C5 AMP H . 0.72 5.42 31.10
C6 AMP H . 1.37 5.67 29.85
N6 AMP H . 2.50 5.03 29.49
N1 AMP H . 0.76 6.59 29.00
C2 AMP H . -0.41 7.20 29.39
N3 AMP H . -1.01 6.95 30.57
C4 AMP H . -0.44 6.06 31.42
#